data_9IQZ
#
_entry.id   9IQZ
#
_cell.length_a   70.120
_cell.length_b   82.720
_cell.length_c   139.670
_cell.angle_alpha   90.00
_cell.angle_beta   90.00
_cell.angle_gamma   90.00
#
_symmetry.space_group_name_H-M   'P 21 21 21'
#
loop_
_entity.id
_entity.type
_entity.pdbx_description
1 polymer 'Glycosyltransferase subfamily 4-like N-terminal domain-containing protein'
2 water water
#
_entity_poly.entity_id   1
_entity_poly.type   'polypeptide(L)'
_entity_poly.pdbx_seq_one_letter_code
;GSHMKVMFIPSRAVPFNPDRVQGGLEAVHLNVLKYLVSIGADIDYIGFDNDTFGDWKVTHHPVGHLTKFSLGMSYTMARK
IVELAGIHEYDFVVTMEPTKLTVQAIKDAGLSKVHKNFMATPFEPVSRGIVQIWDQTIQIHKNGGKSYAPTKAFREFERK
YCHMTSALTDKIDYDYWRANPLFEAEDYPVICLNEKPEVLPATDLIISAQRYDTKMRRTDVALEAIKALGENGVGYCPSK
WAPPAKYPVIIDAPHSEIMERLKTAKALINTCPDTGTVENSSIEAISKGVPVIQLVFKDYPHATFEYDPDTVRVEIDFST
PKKEVVALYTKAVLEFTDTYEARVKRAEAVWKKYNRDAVVAMWDKIFTA
;
_entity_poly.pdbx_strand_id   H,A
#
# COMPACT_ATOMS: atom_id res chain seq x y z
N HIS A 3 -2.53 20.98 -1.57
CA HIS A 3 -1.94 22.20 -2.12
C HIS A 3 -2.41 22.55 -3.56
N MET A 4 -2.75 21.52 -4.34
CA MET A 4 -3.38 21.68 -5.65
C MET A 4 -4.90 21.73 -5.48
N LYS A 5 -5.53 22.74 -6.05
CA LYS A 5 -6.96 22.98 -5.88
C LYS A 5 -7.68 22.47 -7.13
N VAL A 6 -8.46 21.38 -6.98
CA VAL A 6 -9.07 20.67 -8.11
C VAL A 6 -10.57 20.52 -7.89
N MET A 7 -11.35 20.88 -8.91
CA MET A 7 -12.77 20.55 -8.94
C MET A 7 -12.98 19.23 -9.67
N PHE A 8 -13.72 18.31 -9.04
CA PHE A 8 -13.87 16.94 -9.54
C PHE A 8 -15.32 16.67 -9.91
N ILE A 9 -15.57 16.41 -11.19
CA ILE A 9 -16.93 16.13 -11.66
C ILE A 9 -17.02 14.65 -12.03
N PRO A 10 -17.66 13.83 -11.21
CA PRO A 10 -17.58 12.37 -11.39
C PRO A 10 -18.43 11.82 -12.53
N SER A 11 -18.15 10.56 -12.85
CA SER A 11 -19.08 9.74 -13.60
C SER A 11 -20.37 9.65 -12.83
N ARG A 12 -21.46 9.36 -13.54
CA ARG A 12 -22.79 9.50 -12.94
C ARG A 12 -23.71 8.29 -13.14
N ALA A 13 -23.16 7.12 -13.47
CA ALA A 13 -23.99 5.91 -13.54
C ALA A 13 -24.24 5.34 -12.14
N VAL A 14 -23.23 5.42 -11.29
CA VAL A 14 -23.28 4.84 -9.95
C VAL A 14 -22.54 5.76 -8.98
N PRO A 15 -23.03 5.82 -7.73
CA PRO A 15 -22.30 6.59 -6.72
C PRO A 15 -20.91 6.02 -6.44
N PHE A 16 -20.02 6.87 -5.95
CA PHE A 16 -18.64 6.45 -5.80
C PHE A 16 -18.47 5.49 -4.62
N ASN A 17 -17.74 4.41 -4.85
CA ASN A 17 -17.32 3.46 -3.82
C ASN A 17 -15.93 2.95 -4.19
N PRO A 18 -14.93 3.14 -3.32
CA PRO A 18 -13.54 2.80 -3.70
C PRO A 18 -13.33 1.32 -3.95
N ASP A 19 -14.25 0.44 -3.55
CA ASP A 19 -14.04 -0.99 -3.78
C ASP A 19 -15.04 -1.52 -4.80
N ARG A 20 -15.44 -0.66 -5.74
CA ARG A 20 -16.35 -1.00 -6.82
C ARG A 20 -15.83 -0.27 -8.05
N VAL A 21 -15.57 -0.99 -9.14
CA VAL A 21 -15.36 -0.34 -10.43
C VAL A 21 -16.24 -1.08 -11.43
N GLN A 22 -17.38 -0.48 -11.76
CA GLN A 22 -18.44 -1.08 -12.58
C GLN A 22 -18.34 -0.63 -14.03
N GLY A 23 -17.12 -0.48 -14.56
CA GLY A 23 -16.94 -0.07 -15.95
C GLY A 23 -15.65 0.71 -16.15
N GLY A 24 -15.31 0.89 -17.43
CA GLY A 24 -14.10 1.59 -17.81
C GLY A 24 -14.11 3.06 -17.45
N LEU A 25 -15.27 3.69 -17.45
CA LEU A 25 -15.31 5.08 -17.02
C LEU A 25 -15.07 5.18 -15.52
N GLU A 26 -15.67 4.26 -14.75
CA GLU A 26 -15.49 4.24 -13.32
C GLU A 26 -14.04 3.93 -12.95
N ALA A 27 -13.35 3.18 -13.79
CA ALA A 27 -11.95 2.83 -13.52
C ALA A 27 -11.04 4.05 -13.61
N VAL A 28 -11.13 4.83 -14.70
CA VAL A 28 -10.29 6.02 -14.76
C VAL A 28 -10.72 7.02 -13.70
N HIS A 29 -12.03 7.14 -13.47
CA HIS A 29 -12.55 7.96 -12.39
C HIS A 29 -11.86 7.63 -11.07
N LEU A 30 -11.86 6.36 -10.69
CA LEU A 30 -11.21 5.95 -9.45
C LEU A 30 -9.73 6.32 -9.45
N ASN A 31 -9.03 6.03 -10.55
CA ASN A 31 -7.57 6.16 -10.56
C ASN A 31 -7.11 7.61 -10.56
N VAL A 32 -7.81 8.49 -11.28
CA VAL A 32 -7.41 9.90 -11.23
C VAL A 32 -7.71 10.48 -9.86
N LEU A 33 -8.77 10.01 -9.20
CA LEU A 33 -9.01 10.41 -7.83
C LEU A 33 -7.91 9.89 -6.90
N LYS A 34 -7.59 8.59 -6.98
CA LYS A 34 -6.46 8.05 -6.21
C LYS A 34 -5.22 8.90 -6.40
N TYR A 35 -4.95 9.31 -7.65
CA TYR A 35 -3.80 10.15 -7.90
C TYR A 35 -3.93 11.48 -7.18
N LEU A 36 -5.09 12.13 -7.26
CA LEU A 36 -5.26 13.43 -6.63
C LEU A 36 -5.08 13.34 -5.12
N VAL A 37 -5.60 12.27 -4.53
CA VAL A 37 -5.45 12.02 -3.10
C VAL A 37 -3.98 11.80 -2.76
N SER A 38 -3.25 11.04 -3.59
CA SER A 38 -1.89 10.68 -3.25
C SER A 38 -0.95 11.88 -3.29
N ILE A 39 -1.31 12.95 -4.02
CA ILE A 39 -0.53 14.19 -4.01
C ILE A 39 -1.11 15.20 -3.02
N GLY A 40 -2.03 14.77 -2.16
CA GLY A 40 -2.63 15.71 -1.23
C GLY A 40 -3.33 16.87 -1.90
N ALA A 41 -4.05 16.60 -2.98
CA ALA A 41 -4.78 17.69 -3.60
C ALA A 41 -5.98 18.08 -2.74
N ASP A 42 -6.29 19.38 -2.74
CA ASP A 42 -7.54 19.90 -2.20
C ASP A 42 -8.64 19.61 -3.21
N ILE A 43 -9.45 18.58 -2.96
CA ILE A 43 -10.42 18.11 -3.93
C ILE A 43 -11.83 18.56 -3.55
N ASP A 44 -12.43 19.40 -4.39
CA ASP A 44 -13.85 19.71 -4.29
C ASP A 44 -14.61 18.76 -5.22
N TYR A 45 -15.31 17.80 -4.62
CA TYR A 45 -15.97 16.70 -5.33
C TYR A 45 -17.48 16.97 -5.38
N ILE A 46 -18.01 17.23 -6.57
CA ILE A 46 -19.42 17.56 -6.72
C ILE A 46 -20.15 16.25 -7.01
N GLY A 47 -20.61 15.58 -5.95
CA GLY A 47 -21.09 14.22 -6.09
C GLY A 47 -22.50 13.95 -5.61
N PHE A 48 -22.70 12.80 -4.95
CA PHE A 48 -24.02 12.30 -4.60
C PHE A 48 -24.01 11.87 -3.14
N ASP A 49 -25.20 11.88 -2.52
CA ASP A 49 -25.26 11.66 -1.08
C ASP A 49 -24.77 10.27 -0.68
N ASN A 50 -24.91 9.28 -1.56
CA ASN A 50 -24.50 7.91 -1.26
C ASN A 50 -23.07 7.59 -1.70
N ASP A 51 -22.27 8.59 -2.05
CA ASP A 51 -20.84 8.38 -2.19
C ASP A 51 -20.23 7.99 -0.84
N THR A 52 -19.19 7.14 -0.89
CA THR A 52 -18.34 6.88 0.26
C THR A 52 -16.90 6.98 -0.21
N PHE A 53 -16.04 7.51 0.65
CA PHE A 53 -14.65 7.81 0.31
C PHE A 53 -13.62 7.15 1.21
N GLY A 54 -14.06 6.28 2.13
CA GLY A 54 -13.11 5.68 3.07
C GLY A 54 -12.38 6.74 3.87
N ASP A 55 -11.07 6.58 3.94
CA ASP A 55 -10.19 7.44 4.71
C ASP A 55 -9.74 8.67 3.94
N TRP A 56 -10.26 8.90 2.73
CA TRP A 56 -9.77 9.95 1.84
C TRP A 56 -10.27 11.33 2.21
N LYS A 57 -9.36 12.30 2.15
CA LYS A 57 -9.71 13.70 2.38
C LYS A 57 -10.24 14.28 1.07
N VAL A 58 -11.56 14.29 0.90
CA VAL A 58 -12.20 15.05 -0.17
C VAL A 58 -13.27 15.95 0.46
N THR A 59 -13.43 17.16 -0.10
CA THR A 59 -14.52 18.04 0.32
C THR A 59 -15.73 17.77 -0.56
N HIS A 60 -16.81 17.28 0.05
CA HIS A 60 -17.93 16.70 -0.67
C HIS A 60 -19.07 17.71 -0.83
N HIS A 61 -19.54 17.89 -2.07
CA HIS A 61 -20.63 18.80 -2.38
C HIS A 61 -21.71 17.97 -3.05
N PRO A 62 -22.53 17.27 -2.26
CA PRO A 62 -23.49 16.33 -2.83
C PRO A 62 -24.66 17.07 -3.45
N VAL A 63 -25.17 16.49 -4.53
CA VAL A 63 -26.27 17.05 -5.31
C VAL A 63 -27.50 16.14 -5.24
N GLY A 64 -27.54 15.22 -4.27
CA GLY A 64 -28.66 14.33 -4.07
C GLY A 64 -28.24 12.88 -4.06
N HIS A 65 -29.18 12.05 -3.66
CA HIS A 65 -29.00 10.59 -3.67
C HIS A 65 -29.08 10.06 -5.09
N LEU A 66 -28.08 9.27 -5.50
CA LEU A 66 -27.99 8.81 -6.90
C LEU A 66 -28.58 7.43 -7.06
N THR A 67 -29.62 7.34 -7.90
CA THR A 67 -30.06 6.07 -8.51
C THR A 67 -30.01 6.17 -10.03
N LYS A 68 -30.85 6.98 -10.65
CA LYS A 68 -30.67 7.39 -12.05
C LYS A 68 -30.40 8.89 -12.07
N PHE A 69 -29.40 9.29 -12.86
CA PHE A 69 -29.00 10.71 -12.87
C PHE A 69 -30.12 11.52 -13.50
N SER A 70 -30.72 12.40 -12.70
CA SER A 70 -31.90 13.15 -13.08
C SER A 70 -31.50 14.53 -13.55
N LEU A 71 -32.47 15.16 -14.22
CA LEU A 71 -32.29 16.51 -14.73
C LEU A 71 -32.04 17.51 -13.60
N GLY A 72 -32.78 17.40 -12.50
CA GLY A 72 -32.54 18.28 -11.36
C GLY A 72 -31.17 18.10 -10.76
N MET A 73 -30.69 16.86 -10.66
CA MET A 73 -29.30 16.66 -10.28
C MET A 73 -28.36 17.36 -11.26
N SER A 74 -28.65 17.24 -12.55
CA SER A 74 -27.80 17.85 -13.57
C SER A 74 -27.68 19.36 -13.39
N TYR A 75 -28.81 20.04 -13.13
CA TYR A 75 -28.76 21.50 -12.94
C TYR A 75 -28.17 21.88 -11.59
N THR A 76 -28.39 21.08 -10.55
CA THR A 76 -27.74 21.34 -9.27
C THR A 76 -26.23 21.20 -9.39
N MET A 77 -25.78 20.21 -10.14
CA MET A 77 -24.35 20.04 -10.36
C MET A 77 -23.78 21.26 -11.09
N ALA A 78 -24.37 21.62 -12.23
CA ALA A 78 -23.83 22.73 -13.00
C ALA A 78 -23.84 24.01 -12.18
N ARG A 79 -24.91 24.24 -11.40
CA ARG A 79 -24.97 25.42 -10.55
C ARG A 79 -23.82 25.44 -9.55
N LYS A 80 -23.49 24.29 -8.97
CA LYS A 80 -22.42 24.26 -7.96
C LYS A 80 -21.06 24.45 -8.61
N ILE A 81 -20.90 24.05 -9.88
CA ILE A 81 -19.65 24.35 -10.57
C ILE A 81 -19.40 25.84 -10.54
N VAL A 82 -20.43 26.61 -10.87
CA VAL A 82 -20.30 28.05 -11.02
C VAL A 82 -20.06 28.71 -9.66
N GLU A 83 -20.78 28.26 -8.63
CA GLU A 83 -20.57 28.78 -7.27
C GLU A 83 -19.16 28.49 -6.79
N LEU A 84 -18.75 27.23 -6.86
CA LEU A 84 -17.44 26.87 -6.34
C LEU A 84 -16.33 27.60 -7.07
N ALA A 85 -16.50 27.87 -8.36
CA ALA A 85 -15.47 28.61 -9.08
C ALA A 85 -15.43 30.07 -8.66
N GLY A 86 -16.56 30.66 -8.29
CA GLY A 86 -16.55 32.05 -7.86
C GLY A 86 -15.86 32.27 -6.53
N ILE A 87 -15.71 31.22 -5.74
CA ILE A 87 -15.11 31.31 -4.42
C ILE A 87 -13.64 30.95 -4.46
N HIS A 88 -13.32 29.74 -4.88
CA HIS A 88 -11.95 29.26 -4.90
C HIS A 88 -11.35 29.45 -6.28
N GLU A 89 -10.01 29.37 -6.34
CA GLU A 89 -9.26 29.36 -7.58
C GLU A 89 -8.75 27.94 -7.80
N TYR A 90 -8.99 27.41 -8.99
CA TYR A 90 -8.77 26.01 -9.27
C TYR A 90 -7.58 25.85 -10.19
N ASP A 91 -6.67 24.95 -9.82
CA ASP A 91 -5.59 24.59 -10.72
C ASP A 91 -6.12 23.75 -11.88
N PHE A 92 -7.09 22.89 -11.61
CA PHE A 92 -7.66 22.01 -12.61
C PHE A 92 -9.12 21.73 -12.28
N VAL A 93 -9.89 21.36 -13.30
CA VAL A 93 -11.18 20.68 -13.13
C VAL A 93 -11.17 19.39 -13.95
N VAL A 94 -11.58 18.30 -13.31
CA VAL A 94 -11.54 16.95 -13.85
C VAL A 94 -12.95 16.50 -14.16
N THR A 95 -13.17 16.01 -15.38
CA THR A 95 -14.45 15.42 -15.78
C THR A 95 -14.24 14.02 -16.36
N MET A 96 -15.32 13.28 -16.41
CA MET A 96 -15.36 11.91 -16.91
C MET A 96 -16.55 11.84 -17.85
N GLU A 97 -16.38 12.31 -19.07
CA GLU A 97 -17.43 12.35 -20.09
C GLU A 97 -18.64 13.14 -19.58
N PRO A 98 -18.50 14.45 -19.46
CA PRO A 98 -19.53 15.28 -18.83
C PRO A 98 -20.70 15.62 -19.74
N THR A 99 -21.76 16.16 -19.11
CA THR A 99 -22.95 16.65 -19.81
C THR A 99 -22.67 17.97 -20.55
N LYS A 100 -23.56 18.30 -21.47
CA LYS A 100 -23.50 19.61 -22.11
C LYS A 100 -23.55 20.72 -21.06
N LEU A 101 -24.44 20.57 -20.08
CA LEU A 101 -24.54 21.53 -18.99
C LEU A 101 -23.22 21.68 -18.26
N THR A 102 -22.61 20.56 -17.87
CA THR A 102 -21.35 20.60 -17.14
C THR A 102 -20.26 21.23 -17.98
N VAL A 103 -20.24 20.95 -19.28
CA VAL A 103 -19.24 21.57 -20.14
C VAL A 103 -19.44 23.07 -20.19
N GLN A 104 -20.69 23.52 -20.35
CA GLN A 104 -20.95 24.95 -20.39
C GLN A 104 -20.62 25.61 -19.05
N ALA A 105 -20.98 24.97 -17.94
CA ALA A 105 -20.72 25.60 -16.65
C ALA A 105 -19.23 25.79 -16.43
N ILE A 106 -18.43 24.81 -16.84
CA ILE A 106 -16.98 24.93 -16.74
C ILE A 106 -16.48 26.11 -17.56
N LYS A 107 -16.99 26.29 -18.79
CA LYS A 107 -16.58 27.43 -19.59
C LYS A 107 -17.00 28.75 -18.96
N ASP A 108 -18.29 28.86 -18.57
CA ASP A 108 -18.79 30.10 -17.98
C ASP A 108 -18.02 30.47 -16.73
N ALA A 109 -17.59 29.47 -15.96
CA ALA A 109 -16.77 29.70 -14.77
C ALA A 109 -15.32 30.01 -15.10
N GLY A 110 -14.95 30.07 -16.38
CA GLY A 110 -13.59 30.40 -16.73
C GLY A 110 -12.58 29.32 -16.44
N LEU A 111 -13.01 28.06 -16.44
CA LEU A 111 -12.14 26.94 -16.09
C LEU A 111 -11.82 26.05 -17.29
N SER A 112 -12.17 26.49 -18.51
CA SER A 112 -11.97 25.62 -19.66
C SER A 112 -10.52 25.23 -19.84
N LYS A 113 -9.62 26.16 -19.62
CA LYS A 113 -8.23 25.93 -19.99
C LYS A 113 -7.52 25.06 -18.98
N VAL A 114 -8.09 24.84 -17.81
CA VAL A 114 -7.51 23.93 -16.84
C VAL A 114 -8.33 22.65 -16.74
N HIS A 115 -9.17 22.39 -17.75
CA HIS A 115 -10.14 21.31 -17.71
C HIS A 115 -9.53 20.02 -18.27
N LYS A 116 -9.50 18.98 -17.47
CA LYS A 116 -8.96 17.68 -17.86
C LYS A 116 -10.08 16.67 -17.95
N ASN A 117 -10.27 16.07 -19.12
CA ASN A 117 -11.39 15.14 -19.35
C ASN A 117 -10.87 13.77 -19.74
N PHE A 118 -11.51 12.73 -19.21
CA PHE A 118 -11.10 11.35 -19.38
C PHE A 118 -12.24 10.50 -19.92
N MET A 119 -11.94 9.69 -20.95
CA MET A 119 -12.95 9.00 -21.75
C MET A 119 -12.69 7.50 -21.79
N ALA A 120 -13.79 6.75 -21.89
CA ALA A 120 -13.73 5.31 -22.12
C ALA A 120 -14.76 4.79 -23.13
N THR A 121 -15.81 5.55 -23.44
CA THR A 121 -16.92 5.06 -24.23
C THR A 121 -16.64 5.17 -25.72
N PRO A 122 -16.60 4.08 -26.48
CA PRO A 122 -16.49 4.21 -27.94
C PRO A 122 -17.69 4.90 -28.56
N PHE A 123 -17.43 5.61 -29.66
CA PHE A 123 -18.46 6.39 -30.34
C PHE A 123 -19.44 5.46 -31.04
N GLU A 124 -20.72 5.59 -30.71
CA GLU A 124 -21.78 4.77 -31.28
C GLU A 124 -22.83 5.67 -31.90
N PRO A 125 -22.84 5.82 -33.23
CA PRO A 125 -23.80 6.75 -33.86
C PRO A 125 -25.27 6.37 -33.68
N VAL A 126 -25.60 5.10 -33.43
CA VAL A 126 -27.01 4.75 -33.27
C VAL A 126 -27.51 5.03 -31.86
N SER A 127 -26.61 5.45 -30.96
CA SER A 127 -26.93 5.69 -29.56
C SER A 127 -27.06 7.17 -29.30
N ARG A 128 -28.22 7.59 -28.79
CA ARG A 128 -28.48 9.01 -28.59
C ARG A 128 -27.59 9.60 -27.49
N GLY A 129 -27.47 8.90 -26.35
CA GLY A 129 -26.64 9.37 -25.26
C GLY A 129 -25.16 9.38 -25.59
N ILE A 130 -24.70 8.41 -26.39
CA ILE A 130 -23.28 8.35 -26.76
C ILE A 130 -22.96 9.46 -27.77
N VAL A 131 -23.87 9.77 -28.70
CA VAL A 131 -23.51 10.90 -29.56
C VAL A 131 -23.48 12.17 -28.73
N GLN A 132 -24.32 12.24 -27.67
CA GLN A 132 -24.25 13.39 -26.76
C GLN A 132 -22.92 13.46 -26.03
N ILE A 133 -22.40 12.31 -25.58
CA ILE A 133 -21.08 12.27 -24.99
C ILE A 133 -20.06 12.86 -25.94
N TRP A 134 -20.01 12.34 -27.18
CA TRP A 134 -18.92 12.75 -28.05
C TRP A 134 -19.15 14.13 -28.64
N ASP A 135 -20.41 14.56 -28.78
CA ASP A 135 -20.68 15.95 -29.11
C ASP A 135 -20.02 16.88 -28.09
N GLN A 136 -20.11 16.54 -26.81
CA GLN A 136 -19.52 17.41 -25.82
C GLN A 136 -17.99 17.27 -25.76
N THR A 137 -17.44 16.18 -26.30
CA THR A 137 -15.99 16.07 -26.42
C THR A 137 -15.45 17.05 -27.47
N ILE A 138 -16.20 17.22 -28.56
CA ILE A 138 -15.87 18.27 -29.51
C ILE A 138 -15.97 19.63 -28.85
N GLN A 139 -17.02 19.85 -28.06
CA GLN A 139 -17.17 21.12 -27.37
C GLN A 139 -16.00 21.40 -26.43
N ILE A 140 -15.56 20.38 -25.66
CA ILE A 140 -14.40 20.53 -24.77
C ILE A 140 -13.18 20.99 -25.55
N HIS A 141 -12.97 20.39 -26.71
CA HIS A 141 -11.83 20.76 -27.54
C HIS A 141 -11.96 22.19 -28.05
N LYS A 142 -13.18 22.59 -28.44
CA LYS A 142 -13.44 23.96 -28.85
C LYS A 142 -13.21 24.93 -27.70
N ASN A 143 -13.70 24.60 -26.51
CA ASN A 143 -13.58 25.47 -25.34
C ASN A 143 -12.16 25.57 -24.81
N GLY A 144 -11.20 24.82 -25.34
CA GLY A 144 -9.85 24.91 -24.82
C GLY A 144 -9.49 23.88 -23.76
N GLY A 145 -10.41 22.96 -23.42
CA GLY A 145 -10.06 21.86 -22.54
C GLY A 145 -9.32 20.75 -23.26
N LYS A 146 -8.82 19.80 -22.49
CA LYS A 146 -8.07 18.67 -23.00
C LYS A 146 -8.70 17.34 -22.61
N SER A 147 -8.73 16.40 -23.56
CA SER A 147 -9.26 15.06 -23.33
C SER A 147 -8.17 14.01 -23.50
N TYR A 148 -8.29 12.94 -22.73
CA TYR A 148 -7.28 11.91 -22.68
C TYR A 148 -7.91 10.54 -22.93
N ALA A 149 -7.16 9.73 -23.68
CA ALA A 149 -7.49 8.36 -23.99
C ALA A 149 -6.54 7.40 -23.28
N PRO A 150 -6.98 6.17 -23.05
CA PRO A 150 -6.17 5.20 -22.30
C PRO A 150 -5.11 4.46 -23.14
N THR A 151 -5.42 4.25 -24.41
CA THR A 151 -4.58 3.46 -25.31
C THR A 151 -4.43 4.21 -26.62
N LYS A 152 -3.40 3.86 -27.38
CA LYS A 152 -3.29 4.45 -28.71
C LYS A 152 -4.36 3.91 -29.66
N ALA A 153 -4.83 2.68 -29.43
CA ALA A 153 -5.93 2.16 -30.22
C ALA A 153 -7.15 3.05 -30.08
N PHE A 154 -7.40 3.57 -28.88
CA PHE A 154 -8.55 4.45 -28.72
C PHE A 154 -8.36 5.73 -29.52
N ARG A 155 -7.14 6.27 -29.55
CA ARG A 155 -6.89 7.48 -30.33
C ARG A 155 -7.05 7.21 -31.82
N GLU A 156 -6.78 5.98 -32.25
CA GLU A 156 -6.98 5.63 -33.65
C GLU A 156 -8.46 5.55 -33.99
N PHE A 157 -9.22 4.81 -33.18
CA PHE A 157 -10.68 4.79 -33.33
C PHE A 157 -11.24 6.19 -33.43
N GLU A 158 -10.68 7.15 -32.69
CA GLU A 158 -11.18 8.51 -32.73
C GLU A 158 -11.04 9.09 -34.12
N ARG A 159 -9.96 8.72 -34.84
CA ARG A 159 -9.80 9.17 -36.21
C ARG A 159 -10.74 8.47 -37.17
N LYS A 160 -11.44 7.41 -36.73
CA LYS A 160 -12.53 6.85 -37.51
C LYS A 160 -13.89 7.38 -37.09
N TYR A 161 -14.07 7.63 -35.80
CA TYR A 161 -15.35 8.13 -35.30
C TYR A 161 -15.78 9.42 -36.00
N CYS A 162 -14.83 10.26 -36.39
CA CYS A 162 -15.21 11.53 -37.03
C CYS A 162 -15.70 11.34 -38.47
N HIS A 163 -15.82 10.11 -38.96
CA HIS A 163 -16.47 9.79 -40.22
C HIS A 163 -17.79 9.07 -40.02
N MET A 164 -18.06 8.60 -38.81
CA MET A 164 -19.26 7.82 -38.53
C MET A 164 -20.45 8.76 -38.29
N THR A 165 -21.51 8.58 -39.08
CA THR A 165 -22.70 9.40 -38.99
C THR A 165 -23.90 8.48 -38.91
N SER A 166 -25.03 9.05 -38.52
CA SER A 166 -26.28 8.33 -38.47
C SER A 166 -27.40 9.34 -38.63
N ALA A 167 -28.62 8.92 -38.37
CA ALA A 167 -29.71 9.87 -38.41
C ALA A 167 -29.78 10.70 -37.13
N LEU A 168 -28.97 10.35 -36.12
CA LEU A 168 -28.93 11.08 -34.87
C LEU A 168 -27.78 12.07 -34.78
N THR A 169 -26.87 12.10 -35.75
CA THR A 169 -25.64 12.85 -35.63
C THR A 169 -25.71 14.19 -36.34
N ASP A 170 -26.90 14.71 -36.60
CA ASP A 170 -27.00 15.94 -37.38
C ASP A 170 -26.45 17.13 -36.63
N LYS A 171 -26.51 17.14 -35.31
CA LYS A 171 -26.09 18.32 -34.57
C LYS A 171 -24.60 18.29 -34.21
N ILE A 172 -23.81 17.43 -34.86
CA ILE A 172 -22.40 17.25 -34.53
C ILE A 172 -21.56 18.03 -35.54
N ASP A 173 -20.69 18.91 -35.03
CA ASP A 173 -19.79 19.67 -35.89
C ASP A 173 -18.69 18.78 -36.50
N TYR A 174 -19.04 17.98 -37.49
CA TYR A 174 -18.07 17.13 -38.16
C TYR A 174 -16.99 17.93 -38.88
N ASP A 175 -17.27 19.18 -39.26
CA ASP A 175 -16.23 20.01 -39.85
C ASP A 175 -15.09 20.19 -38.86
N TYR A 176 -15.41 20.65 -37.65
CA TYR A 176 -14.42 20.81 -36.61
C TYR A 176 -13.75 19.48 -36.28
N TRP A 177 -14.54 18.40 -36.15
CA TRP A 177 -14.02 17.13 -35.69
C TRP A 177 -13.04 16.52 -36.69
N ARG A 178 -13.32 16.62 -37.98
CA ARG A 178 -12.37 16.07 -38.95
C ARG A 178 -11.00 16.72 -38.80
N ALA A 179 -10.98 18.02 -38.54
CA ALA A 179 -9.74 18.77 -38.51
C ALA A 179 -9.05 18.74 -37.17
N ASN A 180 -9.70 18.22 -36.13
CA ASN A 180 -9.13 18.26 -34.78
C ASN A 180 -9.20 16.90 -34.10
N PRO A 181 -8.10 16.11 -34.13
CA PRO A 181 -8.08 14.90 -33.29
C PRO A 181 -8.35 15.33 -31.86
N LEU A 182 -9.36 14.73 -31.24
CA LEU A 182 -9.88 15.23 -29.97
C LEU A 182 -9.01 14.86 -28.75
N PHE A 183 -8.12 13.88 -28.85
CA PHE A 183 -7.37 13.42 -27.71
C PHE A 183 -5.96 14.00 -27.71
N GLU A 184 -5.41 14.19 -26.51
CA GLU A 184 -4.02 14.56 -26.36
C GLU A 184 -3.14 13.35 -26.66
N ALA A 185 -1.85 13.61 -26.88
CA ALA A 185 -0.95 12.51 -27.19
C ALA A 185 -0.73 11.59 -25.98
N GLU A 186 -0.88 12.12 -24.76
CA GLU A 186 -0.54 11.38 -23.55
C GLU A 186 -1.64 10.38 -23.19
N ASP A 187 -1.24 9.14 -22.94
CA ASP A 187 -2.15 8.15 -22.41
C ASP A 187 -2.45 8.45 -20.96
N TYR A 188 -3.73 8.25 -20.54
CA TYR A 188 -3.79 8.18 -19.09
C TYR A 188 -3.54 6.74 -18.65
N PRO A 189 -2.90 6.51 -17.49
CA PRO A 189 -2.65 5.14 -17.05
C PRO A 189 -3.94 4.42 -16.70
N VAL A 190 -4.14 3.24 -17.31
CA VAL A 190 -5.35 2.44 -17.05
C VAL A 190 -5.25 1.64 -15.77
N ILE A 191 -4.05 1.51 -15.22
CA ILE A 191 -3.84 0.78 -14.00
C ILE A 191 -2.63 1.39 -13.33
N CYS A 192 -2.57 1.31 -12.01
CA CYS A 192 -1.42 1.74 -11.23
C CYS A 192 -1.02 0.57 -10.36
N LEU A 193 0.16 -0.01 -10.61
CA LEU A 193 0.62 -1.18 -9.87
C LEU A 193 1.54 -0.71 -8.76
N ASN A 194 1.02 -0.72 -7.53
CA ASN A 194 1.76 -0.15 -6.41
C ASN A 194 2.86 -1.07 -5.94
N GLU A 195 2.71 -2.37 -6.22
CA GLU A 195 3.74 -3.36 -5.97
C GLU A 195 3.77 -4.31 -7.15
N LYS A 196 4.95 -4.86 -7.43
CA LYS A 196 5.08 -5.83 -8.50
C LYS A 196 4.19 -7.04 -8.22
N PRO A 197 3.20 -7.32 -9.06
CA PRO A 197 2.34 -8.49 -8.80
C PRO A 197 3.15 -9.78 -8.78
N GLU A 198 2.76 -10.66 -7.88
CA GLU A 198 3.34 -12.00 -7.76
C GLU A 198 2.47 -12.93 -8.59
N VAL A 199 3.00 -13.44 -9.70
CA VAL A 199 2.20 -14.27 -10.59
C VAL A 199 1.97 -15.64 -9.95
N LEU A 200 0.66 -15.96 -9.67
CA LEU A 200 0.36 -17.29 -9.14
C LEU A 200 0.07 -18.25 -10.28
N PRO A 201 0.38 -19.53 -10.11
CA PRO A 201 0.01 -20.51 -11.15
C PRO A 201 -1.51 -20.64 -11.27
N ALA A 202 -1.93 -21.00 -12.46
CA ALA A 202 -3.34 -21.01 -12.81
C ALA A 202 -4.05 -22.23 -12.23
N THR A 203 -5.32 -22.02 -11.85
CA THR A 203 -6.21 -23.13 -11.60
C THR A 203 -6.90 -23.42 -12.93
N ASP A 204 -8.07 -24.07 -12.92
CA ASP A 204 -8.84 -24.26 -14.15
C ASP A 204 -9.88 -23.20 -14.32
N LEU A 205 -9.95 -22.23 -13.41
CA LEU A 205 -11.08 -21.32 -13.39
C LEU A 205 -10.90 -20.17 -14.38
N ILE A 206 -11.93 -19.95 -15.18
CA ILE A 206 -11.98 -18.87 -16.16
C ILE A 206 -13.10 -17.93 -15.73
N ILE A 207 -12.85 -16.62 -15.86
CA ILE A 207 -13.68 -15.59 -15.24
C ILE A 207 -14.20 -14.61 -16.29
N SER A 208 -15.47 -14.27 -16.17
CA SER A 208 -16.05 -13.16 -16.89
C SER A 208 -16.40 -12.08 -15.88
N ALA A 209 -15.83 -10.88 -16.07
CA ALA A 209 -16.05 -9.77 -15.14
C ALA A 209 -16.34 -8.49 -15.94
N GLN A 210 -17.43 -8.52 -16.71
CA GLN A 210 -17.92 -7.37 -17.43
C GLN A 210 -19.41 -7.21 -17.13
N ARG A 211 -19.91 -5.98 -17.18
CA ARG A 211 -21.33 -5.78 -16.97
C ARG A 211 -22.12 -6.33 -18.15
N TYR A 212 -23.36 -6.74 -17.88
CA TYR A 212 -24.17 -7.40 -18.89
C TYR A 212 -24.87 -6.41 -19.82
N ASP A 213 -24.54 -6.48 -21.10
CA ASP A 213 -25.33 -5.83 -22.14
C ASP A 213 -25.00 -6.55 -23.44
N THR A 214 -26.02 -6.91 -24.21
CA THR A 214 -25.87 -7.64 -25.45
C THR A 214 -25.19 -6.82 -26.55
N LYS A 215 -25.35 -5.51 -26.51
CA LYS A 215 -24.95 -4.62 -27.60
C LYS A 215 -23.44 -4.39 -27.63
N MET A 216 -22.93 -3.65 -26.64
CA MET A 216 -21.53 -3.26 -26.71
C MET A 216 -20.61 -4.35 -26.18
N ARG A 217 -20.91 -4.92 -25.01
CA ARG A 217 -20.03 -5.91 -24.42
C ARG A 217 -20.31 -7.35 -24.87
N ARG A 218 -21.49 -7.64 -25.41
CA ARG A 218 -21.83 -8.99 -25.86
C ARG A 218 -21.66 -10.00 -24.73
N THR A 219 -22.04 -9.59 -23.53
CA THR A 219 -21.88 -10.40 -22.35
C THR A 219 -22.65 -11.71 -22.45
N ASP A 220 -23.69 -11.77 -23.29
CA ASP A 220 -24.34 -13.06 -23.52
C ASP A 220 -23.35 -14.07 -24.09
N VAL A 221 -22.53 -13.62 -25.05
CA VAL A 221 -21.51 -14.51 -25.60
C VAL A 221 -20.56 -14.98 -24.51
N ALA A 222 -20.14 -14.06 -23.64
CA ALA A 222 -19.27 -14.40 -22.53
C ALA A 222 -19.92 -15.44 -21.64
N LEU A 223 -21.16 -15.19 -21.20
CA LEU A 223 -21.84 -16.06 -20.25
C LEU A 223 -22.29 -17.38 -20.87
N GLU A 224 -22.31 -17.51 -22.20
CA GLU A 224 -22.46 -18.81 -22.82
C GLU A 224 -21.22 -19.66 -22.60
N ALA A 225 -20.04 -19.05 -22.81
CA ALA A 225 -18.80 -19.73 -22.50
C ALA A 225 -18.70 -20.05 -21.01
N ILE A 226 -19.15 -19.13 -20.16
CA ILE A 226 -19.14 -19.41 -18.72
C ILE A 226 -20.02 -20.61 -18.41
N LYS A 227 -21.21 -20.68 -19.03
CA LYS A 227 -22.10 -21.82 -18.84
C LYS A 227 -21.48 -23.11 -19.34
N ALA A 228 -20.86 -23.10 -20.53
CA ALA A 228 -20.26 -24.32 -21.04
C ALA A 228 -19.09 -24.79 -20.17
N LEU A 229 -18.49 -23.90 -19.37
CA LEU A 229 -17.37 -24.27 -18.50
C LEU A 229 -17.84 -24.94 -17.22
N GLY A 230 -19.11 -24.80 -16.87
CA GLY A 230 -19.64 -25.45 -15.69
C GLY A 230 -18.91 -25.01 -14.44
N GLU A 231 -18.33 -25.98 -13.72
CA GLU A 231 -17.63 -25.68 -12.48
C GLU A 231 -16.39 -24.81 -12.70
N ASN A 232 -15.83 -24.81 -13.92
CA ASN A 232 -14.62 -24.07 -14.24
C ASN A 232 -14.89 -22.68 -14.81
N GLY A 233 -16.09 -22.16 -14.59
CA GLY A 233 -16.38 -20.84 -15.06
C GLY A 233 -17.24 -20.08 -14.07
N VAL A 234 -16.95 -18.80 -13.87
CA VAL A 234 -17.76 -17.96 -13.00
C VAL A 234 -17.80 -16.57 -13.62
N GLY A 235 -18.97 -15.95 -13.52
CA GLY A 235 -19.17 -14.61 -14.03
C GLY A 235 -19.56 -13.66 -12.91
N TYR A 236 -19.05 -12.43 -12.98
CA TYR A 236 -19.36 -11.35 -12.04
C TYR A 236 -20.03 -10.20 -12.79
N CYS A 237 -21.18 -9.77 -12.30
CA CYS A 237 -21.90 -8.66 -12.92
C CYS A 237 -22.42 -7.74 -11.83
N PRO A 238 -22.49 -6.44 -12.09
CA PRO A 238 -23.16 -5.55 -11.14
C PRO A 238 -24.66 -5.64 -11.29
N SER A 239 -25.37 -5.42 -10.17
CA SER A 239 -26.82 -5.59 -10.16
C SER A 239 -27.53 -4.59 -11.08
N LYS A 240 -26.87 -3.48 -11.43
CA LYS A 240 -27.44 -2.51 -12.36
C LYS A 240 -27.31 -2.93 -13.82
N TRP A 241 -26.44 -3.90 -14.11
CA TRP A 241 -26.32 -4.43 -15.46
C TRP A 241 -26.20 -5.94 -15.32
N ALA A 242 -27.24 -6.55 -14.78
CA ALA A 242 -27.27 -7.97 -14.50
C ALA A 242 -27.80 -8.77 -15.68
N PRO A 243 -27.43 -10.03 -15.77
CA PRO A 243 -27.95 -10.86 -16.86
C PRO A 243 -29.32 -11.41 -16.53
N PRO A 244 -30.05 -11.87 -17.54
CA PRO A 244 -31.26 -12.65 -17.29
C PRO A 244 -30.91 -13.87 -16.46
N ALA A 245 -31.96 -14.51 -15.93
CA ALA A 245 -31.82 -15.66 -15.04
C ALA A 245 -31.12 -16.85 -15.70
N LYS A 246 -31.10 -16.94 -17.03
CA LYS A 246 -30.44 -18.08 -17.66
C LYS A 246 -28.93 -18.07 -17.46
N TYR A 247 -28.36 -16.94 -17.05
CA TYR A 247 -26.92 -16.81 -16.80
C TYR A 247 -26.69 -16.52 -15.32
N PRO A 248 -26.52 -17.54 -14.49
CA PRO A 248 -26.21 -17.26 -13.08
C PRO A 248 -24.81 -16.68 -12.93
N VAL A 249 -24.72 -15.62 -12.14
CA VAL A 249 -23.47 -14.92 -11.91
C VAL A 249 -23.48 -14.43 -10.48
N ILE A 250 -22.29 -14.17 -9.95
CA ILE A 250 -22.19 -13.47 -8.67
C ILE A 250 -22.49 -11.99 -8.87
N ILE A 251 -23.42 -11.46 -8.05
CA ILE A 251 -23.86 -10.08 -8.19
C ILE A 251 -23.17 -9.19 -7.16
N ASP A 252 -22.63 -8.07 -7.64
CA ASP A 252 -22.12 -6.98 -6.81
C ASP A 252 -21.01 -7.42 -5.88
N ALA A 253 -20.11 -8.26 -6.39
CA ALA A 253 -18.94 -8.63 -5.61
C ALA A 253 -18.04 -7.41 -5.50
N PRO A 254 -17.45 -7.16 -4.36
CA PRO A 254 -16.51 -6.04 -4.26
C PRO A 254 -15.35 -6.27 -5.21
N HIS A 255 -14.85 -5.17 -5.78
CA HIS A 255 -13.71 -5.25 -6.70
C HIS A 255 -12.57 -6.09 -6.13
N SER A 256 -12.29 -5.91 -4.84
CA SER A 256 -11.21 -6.67 -4.21
C SER A 256 -11.49 -8.17 -4.25
N GLU A 257 -12.74 -8.58 -4.04
CA GLU A 257 -13.07 -10.02 -4.12
C GLU A 257 -12.80 -10.54 -5.52
N ILE A 258 -13.12 -9.74 -6.54
CA ILE A 258 -12.92 -10.17 -7.92
C ILE A 258 -11.43 -10.24 -8.23
N MET A 259 -10.67 -9.25 -7.77
CA MET A 259 -9.23 -9.27 -8.00
C MET A 259 -8.55 -10.45 -7.31
N GLU A 260 -9.00 -10.83 -6.11
CA GLU A 260 -8.43 -11.99 -5.44
C GLU A 260 -8.66 -13.27 -6.22
N ARG A 261 -9.89 -13.50 -6.68
CA ARG A 261 -10.19 -14.70 -7.43
C ARG A 261 -9.36 -14.76 -8.72
N LEU A 262 -9.15 -13.61 -9.34
CA LEU A 262 -8.46 -13.54 -10.62
C LEU A 262 -7.00 -13.98 -10.53
N LYS A 263 -6.35 -13.76 -9.37
CA LYS A 263 -4.92 -14.07 -9.26
C LYS A 263 -4.59 -15.48 -9.73
N THR A 264 -5.50 -16.44 -9.48
CA THR A 264 -5.30 -17.85 -9.83
C THR A 264 -6.20 -18.30 -10.98
N ALA A 265 -6.88 -17.36 -11.63
CA ALA A 265 -7.72 -17.69 -12.77
C ALA A 265 -6.85 -18.19 -13.93
N LYS A 266 -7.36 -19.20 -14.65
CA LYS A 266 -6.65 -19.70 -15.82
C LYS A 266 -6.71 -18.71 -16.97
N ALA A 267 -7.83 -17.99 -17.10
CA ALA A 267 -8.02 -17.03 -18.19
C ALA A 267 -9.12 -16.07 -17.78
N LEU A 268 -9.17 -14.95 -18.48
CA LEU A 268 -10.25 -13.98 -18.38
C LEU A 268 -10.98 -13.97 -19.72
N ILE A 269 -12.32 -13.94 -19.66
CA ILE A 269 -13.13 -13.85 -20.85
C ILE A 269 -13.42 -12.38 -21.14
N ASN A 270 -13.13 -11.93 -22.36
CA ASN A 270 -13.50 -10.59 -22.82
C ASN A 270 -14.16 -10.67 -24.19
N THR A 271 -15.42 -10.26 -24.26
CA THR A 271 -16.20 -10.37 -25.49
C THR A 271 -16.59 -9.00 -26.05
N CYS A 272 -16.03 -7.89 -25.52
CA CYS A 272 -16.15 -6.53 -26.07
C CYS A 272 -15.26 -6.43 -27.32
N PRO A 273 -15.85 -6.52 -28.51
CA PRO A 273 -15.08 -6.69 -29.74
C PRO A 273 -14.71 -5.42 -30.50
N ASP A 274 -15.05 -4.22 -30.03
CA ASP A 274 -14.62 -3.04 -30.78
C ASP A 274 -13.39 -2.42 -30.11
N THR A 275 -13.51 -1.84 -28.92
CA THR A 275 -12.34 -1.17 -28.35
C THR A 275 -11.73 -1.84 -27.14
N GLY A 276 -12.47 -2.72 -26.45
CA GLY A 276 -12.02 -3.29 -25.18
C GLY A 276 -11.64 -2.32 -24.06
N THR A 277 -12.00 -1.03 -24.18
CA THR A 277 -11.81 -0.11 -23.06
C THR A 277 -13.13 0.27 -22.36
N VAL A 278 -14.23 -0.39 -22.64
CA VAL A 278 -15.43 -0.11 -21.85
C VAL A 278 -15.46 -0.92 -20.55
N GLU A 279 -14.49 -1.84 -20.35
CA GLU A 279 -14.19 -2.59 -19.13
C GLU A 279 -12.68 -2.60 -18.88
N ASN A 280 -12.27 -2.37 -17.63
CA ASN A 280 -10.84 -2.39 -17.29
C ASN A 280 -10.28 -3.78 -17.02
N SER A 281 -11.13 -4.83 -16.98
CA SER A 281 -10.70 -6.14 -16.51
C SER A 281 -9.54 -6.74 -17.30
N SER A 282 -9.39 -6.40 -18.59
CA SER A 282 -8.27 -6.95 -19.35
C SER A 282 -6.92 -6.64 -18.71
N ILE A 283 -6.67 -5.37 -18.35
CA ILE A 283 -5.37 -5.01 -17.81
C ILE A 283 -5.25 -5.53 -16.39
N GLU A 284 -6.35 -5.62 -15.66
CA GLU A 284 -6.32 -6.26 -14.35
C GLU A 284 -5.87 -7.72 -14.47
N ALA A 285 -6.44 -8.46 -15.41
CA ALA A 285 -6.04 -9.85 -15.62
C ALA A 285 -4.59 -9.93 -16.05
N ILE A 286 -4.21 -9.19 -17.09
CA ILE A 286 -2.86 -9.34 -17.63
C ILE A 286 -1.80 -8.93 -16.62
N SER A 287 -2.11 -7.97 -15.75
CA SER A 287 -1.16 -7.57 -14.72
C SER A 287 -0.90 -8.70 -13.72
N LYS A 288 -1.81 -9.66 -13.61
CA LYS A 288 -1.62 -10.79 -12.72
C LYS A 288 -1.10 -12.00 -13.44
N GLY A 289 -0.69 -11.86 -14.70
CA GLY A 289 -0.29 -12.98 -15.51
C GLY A 289 -1.43 -13.74 -16.15
N VAL A 290 -2.67 -13.32 -15.93
CA VAL A 290 -3.83 -14.03 -16.48
C VAL A 290 -4.01 -13.66 -17.95
N PRO A 291 -4.03 -14.64 -18.85
CA PRO A 291 -4.29 -14.31 -20.26
C PRO A 291 -5.76 -13.95 -20.47
N VAL A 292 -5.99 -13.17 -21.52
CA VAL A 292 -7.34 -12.79 -21.95
C VAL A 292 -7.64 -13.54 -23.24
N ILE A 293 -8.81 -14.19 -23.29
CA ILE A 293 -9.36 -14.76 -24.52
C ILE A 293 -10.28 -13.69 -25.11
N GLN A 294 -9.87 -13.07 -26.23
CA GLN A 294 -10.46 -11.80 -26.66
C GLN A 294 -11.26 -11.91 -27.95
N LEU A 295 -12.55 -11.57 -27.88
CA LEU A 295 -13.36 -11.46 -29.07
C LEU A 295 -13.08 -10.13 -29.75
N VAL A 296 -12.87 -10.17 -31.06
CA VAL A 296 -12.45 -8.96 -31.78
C VAL A 296 -12.97 -9.01 -33.21
N PHE A 297 -13.34 -7.84 -33.73
CA PHE A 297 -13.60 -7.73 -35.16
C PHE A 297 -12.27 -7.75 -35.91
N LYS A 298 -12.25 -8.44 -37.05
CA LYS A 298 -11.03 -8.55 -37.84
C LYS A 298 -10.44 -7.19 -38.18
N ASP A 299 -9.11 -7.08 -38.01
CA ASP A 299 -8.34 -5.90 -38.38
C ASP A 299 -8.77 -4.64 -37.63
N TYR A 300 -9.25 -4.81 -36.42
CA TYR A 300 -9.55 -3.71 -35.52
C TYR A 300 -8.41 -3.60 -34.51
N PRO A 301 -8.14 -2.43 -33.94
CA PRO A 301 -6.94 -2.31 -33.08
C PRO A 301 -7.02 -2.90 -31.65
N HIS A 302 -8.15 -2.81 -30.95
CA HIS A 302 -8.40 -3.33 -29.60
C HIS A 302 -7.32 -3.13 -28.52
N ALA A 303 -7.76 -2.69 -27.34
CA ALA A 303 -6.86 -2.37 -26.25
C ALA A 303 -6.15 -3.61 -25.70
N THR A 304 -6.83 -4.77 -25.67
CA THR A 304 -6.22 -5.96 -25.08
C THR A 304 -4.89 -6.31 -25.74
N PHE A 305 -4.81 -6.18 -27.06
CA PHE A 305 -3.58 -6.53 -27.76
C PHE A 305 -2.45 -5.57 -27.46
N GLU A 306 -2.77 -4.37 -26.99
CA GLU A 306 -1.71 -3.48 -26.51
C GLU A 306 -1.18 -3.94 -25.17
N TYR A 307 -2.06 -4.43 -24.30
CA TYR A 307 -1.61 -4.92 -23.00
C TYR A 307 -0.84 -6.23 -23.15
N ASP A 308 -1.30 -7.13 -24.02
CA ASP A 308 -0.61 -8.39 -24.28
C ASP A 308 -0.69 -8.70 -25.77
N PRO A 309 0.38 -8.44 -26.52
CA PRO A 309 0.33 -8.65 -27.99
C PRO A 309 0.16 -10.11 -28.39
N ASP A 310 0.44 -11.05 -27.48
CA ASP A 310 0.29 -12.47 -27.73
C ASP A 310 -1.11 -12.98 -27.33
N THR A 311 -2.04 -12.07 -27.02
CA THR A 311 -3.42 -12.43 -26.71
C THR A 311 -4.07 -13.31 -27.78
N VAL A 312 -4.79 -14.33 -27.32
CA VAL A 312 -5.56 -15.15 -28.25
C VAL A 312 -6.79 -14.39 -28.70
N ARG A 313 -6.96 -14.26 -30.01
CA ARG A 313 -8.06 -13.51 -30.56
C ARG A 313 -9.05 -14.45 -31.25
N VAL A 314 -10.33 -14.20 -31.03
CA VAL A 314 -11.39 -14.86 -31.75
C VAL A 314 -11.95 -13.81 -32.71
N GLU A 315 -11.53 -13.88 -33.96
CA GLU A 315 -11.91 -12.91 -34.98
C GLU A 315 -13.30 -13.23 -35.54
N ILE A 316 -14.11 -12.19 -35.71
CA ILE A 316 -15.44 -12.27 -36.29
C ILE A 316 -15.68 -11.03 -37.15
N ASP A 317 -16.84 -10.98 -37.80
CA ASP A 317 -17.27 -9.80 -38.55
C ASP A 317 -18.55 -9.26 -37.97
N PHE A 318 -18.96 -8.10 -38.48
CA PHE A 318 -20.27 -7.60 -38.12
C PHE A 318 -21.34 -8.52 -38.68
N SER A 319 -21.06 -9.14 -39.83
CA SER A 319 -22.02 -10.03 -40.47
C SER A 319 -22.16 -11.36 -39.74
N THR A 320 -21.11 -11.83 -39.05
CA THR A 320 -21.13 -13.13 -38.39
C THR A 320 -22.35 -13.25 -37.49
N PRO A 321 -23.23 -14.23 -37.71
CA PRO A 321 -24.43 -14.34 -36.87
C PRO A 321 -24.15 -14.86 -35.46
N LYS A 322 -25.07 -14.50 -34.54
CA LYS A 322 -24.91 -14.77 -33.12
C LYS A 322 -24.62 -16.23 -32.84
N LYS A 323 -25.31 -17.13 -33.51
CA LYS A 323 -25.07 -18.55 -33.29
C LYS A 323 -23.63 -18.91 -33.59
N GLU A 324 -23.05 -18.33 -34.65
CA GLU A 324 -21.71 -18.74 -34.99
C GLU A 324 -20.68 -18.12 -34.05
N VAL A 325 -20.93 -16.88 -33.62
CA VAL A 325 -20.06 -16.22 -32.64
C VAL A 325 -19.96 -17.05 -31.36
N VAL A 326 -21.11 -17.53 -30.84
CA VAL A 326 -21.11 -18.29 -29.59
C VAL A 326 -20.32 -19.58 -29.78
N ALA A 327 -20.38 -20.17 -30.96
CA ALA A 327 -19.64 -21.39 -31.21
C ALA A 327 -18.15 -21.12 -31.41
N LEU A 328 -17.78 -20.00 -32.05
CA LEU A 328 -16.35 -19.73 -32.21
C LEU A 328 -15.73 -19.38 -30.87
N TYR A 329 -16.44 -18.62 -30.06
CA TYR A 329 -15.86 -18.18 -28.79
C TYR A 329 -15.86 -19.31 -27.74
N THR A 330 -16.96 -20.06 -27.62
CA THR A 330 -16.97 -21.20 -26.72
C THR A 330 -15.83 -22.16 -27.05
N LYS A 331 -15.61 -22.44 -28.34
CA LYS A 331 -14.50 -23.29 -28.74
C LYS A 331 -13.17 -22.76 -28.24
N ALA A 332 -12.92 -21.46 -28.40
CA ALA A 332 -11.65 -20.91 -27.94
C ALA A 332 -11.52 -20.99 -26.42
N VAL A 333 -12.63 -20.85 -25.69
CA VAL A 333 -12.56 -20.87 -24.23
C VAL A 333 -12.31 -22.28 -23.73
N LEU A 334 -13.09 -23.25 -24.22
CA LEU A 334 -12.96 -24.62 -23.74
C LEU A 334 -11.64 -25.27 -24.18
N GLU A 335 -11.04 -24.83 -25.28
CA GLU A 335 -9.81 -25.42 -25.75
C GLU A 335 -8.59 -24.60 -25.35
N PHE A 336 -8.76 -23.60 -24.48
CA PHE A 336 -7.66 -22.71 -24.14
C PHE A 336 -6.53 -23.43 -23.41
N THR A 337 -5.30 -22.98 -23.68
CA THR A 337 -4.09 -23.56 -23.14
C THR A 337 -3.10 -22.43 -22.86
N ASP A 338 -2.42 -22.49 -21.72
CA ASP A 338 -1.50 -21.44 -21.30
C ASP A 338 -0.37 -22.07 -20.49
N THR A 339 0.80 -21.46 -20.51
CA THR A 339 1.88 -21.89 -19.62
C THR A 339 2.10 -20.89 -18.50
N TYR A 340 2.77 -21.35 -17.44
CA TYR A 340 3.14 -20.46 -16.35
C TYR A 340 4.15 -19.42 -16.83
N GLU A 341 5.12 -19.84 -17.65
CA GLU A 341 6.06 -18.92 -18.25
C GLU A 341 5.34 -17.78 -18.96
N ALA A 342 4.25 -18.12 -19.68
CA ALA A 342 3.48 -17.12 -20.42
C ALA A 342 2.79 -16.15 -19.47
N ARG A 343 2.27 -16.66 -18.36
CA ARG A 343 1.71 -15.78 -17.35
C ARG A 343 2.75 -14.76 -16.88
N VAL A 344 3.98 -15.23 -16.57
CA VAL A 344 5.04 -14.34 -16.06
C VAL A 344 5.47 -13.34 -17.12
N LYS A 345 5.59 -13.80 -18.38
CA LYS A 345 6.00 -12.90 -19.44
C LYS A 345 4.99 -11.77 -19.62
N ARG A 346 3.71 -12.10 -19.71
CA ARG A 346 2.72 -11.06 -19.92
C ARG A 346 2.57 -10.18 -18.67
N ALA A 347 2.82 -10.70 -17.48
CA ALA A 347 2.76 -9.81 -16.33
C ALA A 347 3.97 -8.87 -16.28
N GLU A 348 5.14 -9.35 -16.72
CA GLU A 348 6.33 -8.50 -16.73
C GLU A 348 6.14 -7.30 -17.65
N ALA A 349 5.67 -7.55 -18.89
CA ALA A 349 5.56 -6.47 -19.86
C ALA A 349 4.65 -5.36 -19.35
N VAL A 350 3.68 -5.72 -18.51
CA VAL A 350 2.76 -4.75 -17.95
C VAL A 350 3.34 -4.11 -16.71
N TRP A 351 4.15 -4.85 -15.95
CA TRP A 351 4.84 -4.26 -14.82
C TRP A 351 5.82 -3.17 -15.28
N LYS A 352 6.46 -3.37 -16.43
CA LYS A 352 7.31 -2.33 -17.01
C LYS A 352 6.54 -1.04 -17.23
N LYS A 353 5.35 -1.12 -17.82
CA LYS A 353 4.63 0.09 -18.19
C LYS A 353 3.87 0.72 -17.03
N TYR A 354 3.39 -0.07 -16.06
CA TYR A 354 2.36 0.44 -15.17
C TYR A 354 2.71 0.34 -13.70
N ASN A 355 3.98 0.15 -13.37
CA ASN A 355 4.44 0.33 -12.00
C ASN A 355 4.22 1.77 -11.54
N ARG A 356 4.08 1.94 -10.22
CA ARG A 356 3.66 3.21 -9.67
C ARG A 356 4.58 4.36 -10.08
N ASP A 357 5.89 4.13 -10.17
CA ASP A 357 6.79 5.21 -10.57
C ASP A 357 6.50 5.69 -11.98
N ALA A 358 6.26 4.76 -12.91
CA ALA A 358 5.95 5.20 -14.26
C ALA A 358 4.56 5.83 -14.33
N VAL A 359 3.61 5.31 -13.55
CA VAL A 359 2.24 5.82 -13.59
C VAL A 359 2.17 7.23 -13.03
N VAL A 360 2.75 7.46 -11.85
CA VAL A 360 2.76 8.80 -11.26
C VAL A 360 3.41 9.79 -12.21
N ALA A 361 4.48 9.38 -12.88
CA ALA A 361 5.06 10.24 -13.88
C ALA A 361 4.05 10.55 -14.99
N MET A 362 3.20 9.57 -15.33
CA MET A 362 2.22 9.78 -16.39
C MET A 362 1.14 10.77 -15.96
N TRP A 363 0.64 10.62 -14.74
CA TRP A 363 -0.30 11.60 -14.19
C TRP A 363 0.34 12.96 -14.00
N ASP A 364 1.59 13.00 -13.54
CA ASP A 364 2.24 14.29 -13.32
C ASP A 364 2.27 15.08 -14.61
N LYS A 365 2.59 14.42 -15.72
CA LYS A 365 2.62 15.09 -17.01
C LYS A 365 1.23 15.62 -17.39
N ILE A 366 0.19 14.85 -17.10
CA ILE A 366 -1.18 15.30 -17.40
C ILE A 366 -1.56 16.50 -16.54
N PHE A 367 -1.26 16.43 -15.25
CA PHE A 367 -1.68 17.52 -14.35
C PHE A 367 -0.59 18.60 -14.20
N THR A 368 -0.22 19.16 -15.34
CA THR A 368 0.61 20.35 -15.37
C THR A 368 -0.12 21.47 -16.11
N HIS B 3 3.98 25.06 18.13
CA HIS B 3 4.99 26.11 18.11
C HIS B 3 6.40 25.51 17.89
N MET B 4 6.61 24.25 18.29
CA MET B 4 7.84 23.52 18.01
C MET B 4 7.75 22.88 16.62
N LYS B 5 8.75 23.15 15.78
CA LYS B 5 8.71 22.80 14.36
C LYS B 5 9.57 21.57 14.09
N VAL B 6 8.93 20.46 13.73
CA VAL B 6 9.65 19.21 13.50
C VAL B 6 9.31 18.69 12.12
N MET B 7 10.33 18.29 11.38
CA MET B 7 10.17 17.51 10.17
C MET B 7 10.29 16.03 10.55
N PHE B 8 9.31 15.22 10.15
CA PHE B 8 9.22 13.83 10.57
C PHE B 8 9.39 12.90 9.38
N ILE B 9 10.42 12.07 9.42
CA ILE B 9 10.68 11.11 8.35
C ILE B 9 10.35 9.70 8.83
N PRO B 10 9.22 9.12 8.42
CA PRO B 10 8.73 7.88 9.03
C PRO B 10 9.53 6.66 8.61
N SER B 11 9.35 5.57 9.36
CA SER B 11 9.75 4.25 8.84
C SER B 11 8.93 3.95 7.59
N ARG B 12 9.43 3.06 6.74
CA ARG B 12 8.79 2.95 5.44
C ARG B 12 8.42 1.51 5.06
N ALA B 13 8.43 0.57 6.02
CA ALA B 13 7.98 -0.78 5.72
C ALA B 13 6.46 -0.83 5.65
N VAL B 14 5.79 -0.10 6.53
CA VAL B 14 4.34 -0.19 6.59
C VAL B 14 3.80 1.21 6.89
N PRO B 15 2.66 1.60 6.32
CA PRO B 15 2.11 2.93 6.62
C PRO B 15 1.72 3.05 8.09
N PHE B 16 1.65 4.28 8.56
CA PHE B 16 1.44 4.50 9.98
C PHE B 16 -0.01 4.24 10.38
N ASN B 17 -0.18 3.45 11.44
CA ASN B 17 -1.44 3.16 12.09
C ASN B 17 -1.24 3.10 13.60
N PRO B 18 -1.92 3.95 14.37
CA PRO B 18 -1.63 4.04 15.81
C PRO B 18 -1.94 2.78 16.63
N ASP B 19 -2.64 1.77 16.08
CA ASP B 19 -3.07 0.59 16.84
C ASP B 19 -2.40 -0.70 16.38
N ARG B 20 -1.15 -0.63 15.91
CA ARG B 20 -0.44 -1.82 15.43
C ARG B 20 1.01 -1.74 15.86
N VAL B 21 1.53 -2.82 16.43
CA VAL B 21 2.95 -2.89 16.79
C VAL B 21 3.57 -3.99 15.94
N GLN B 22 4.12 -3.59 14.79
CA GLN B 22 4.63 -4.50 13.77
C GLN B 22 6.16 -4.55 13.75
N GLY B 23 6.81 -4.35 14.89
CA GLY B 23 8.26 -4.37 14.91
C GLY B 23 8.88 -3.32 15.81
N GLY B 24 10.18 -3.46 16.07
CA GLY B 24 10.88 -2.51 16.91
C GLY B 24 11.03 -1.12 16.29
N LEU B 25 11.18 -1.04 14.96
CA LEU B 25 11.33 0.26 14.33
C LEU B 25 9.99 1.01 14.31
N GLU B 26 8.90 0.31 14.02
CA GLU B 26 7.58 0.91 14.05
C GLU B 26 7.18 1.29 15.48
N ALA B 27 7.73 0.58 16.48
CA ALA B 27 7.44 0.90 17.87
C ALA B 27 8.03 2.25 18.25
N VAL B 28 9.31 2.47 17.92
CA VAL B 28 9.90 3.77 18.19
C VAL B 28 9.23 4.86 17.36
N HIS B 29 8.96 4.56 16.09
CA HIS B 29 8.25 5.49 15.23
C HIS B 29 6.95 5.95 15.91
N LEU B 30 6.12 4.99 16.34
CA LEU B 30 4.88 5.31 17.04
C LEU B 30 5.16 6.13 18.31
N ASN B 31 6.13 5.69 19.11
CA ASN B 31 6.35 6.31 20.41
C ASN B 31 6.93 7.72 20.28
N VAL B 32 7.91 7.92 19.38
CA VAL B 32 8.42 9.27 19.26
C VAL B 32 7.40 10.19 18.56
N LEU B 33 6.57 9.66 17.65
CA LEU B 33 5.49 10.47 17.09
C LEU B 33 4.46 10.81 18.15
N LYS B 34 4.02 9.80 18.91
CA LYS B 34 3.11 10.03 20.02
C LYS B 34 3.61 11.17 20.90
N TYR B 35 4.92 11.18 21.20
CA TYR B 35 5.49 12.26 22.00
C TYR B 35 5.39 13.61 21.29
N LEU B 36 5.77 13.66 20.02
CA LEU B 36 5.71 14.94 19.30
C LEU B 36 4.28 15.44 19.21
N VAL B 37 3.32 14.53 19.05
CA VAL B 37 1.93 14.93 19.02
C VAL B 37 1.50 15.46 20.38
N SER B 38 1.95 14.82 21.46
CA SER B 38 1.45 15.19 22.78
C SER B 38 1.94 16.55 23.25
N ILE B 39 3.06 17.04 22.72
CA ILE B 39 3.54 18.35 23.16
C ILE B 39 2.99 19.40 22.23
N GLY B 40 2.05 19.01 21.38
CA GLY B 40 1.47 19.91 20.40
C GLY B 40 2.47 20.48 19.43
N ALA B 41 3.42 19.66 18.97
CA ALA B 41 4.41 20.14 18.03
C ALA B 41 3.79 20.29 16.65
N ASP B 42 4.27 21.31 15.94
CA ASP B 42 3.98 21.46 14.52
C ASP B 42 4.86 20.46 13.78
N ILE B 43 4.25 19.37 13.35
CA ILE B 43 4.96 18.26 12.73
C ILE B 43 4.72 18.31 11.23
N ASP B 44 5.79 18.46 10.46
CA ASP B 44 5.72 18.27 9.00
C ASP B 44 6.09 16.82 8.74
N TYR B 45 5.07 15.99 8.52
CA TYR B 45 5.19 14.55 8.43
C TYR B 45 5.20 14.20 6.95
N ILE B 46 6.35 13.72 6.47
CA ILE B 46 6.51 13.37 5.07
C ILE B 46 6.12 11.91 4.91
N GLY B 47 4.83 11.66 4.64
CA GLY B 47 4.27 10.33 4.70
C GLY B 47 3.57 9.90 3.42
N PHE B 48 2.47 9.15 3.61
CA PHE B 48 1.79 8.42 2.54
C PHE B 48 0.28 8.58 2.69
N ASP B 49 -0.46 8.41 1.59
CA ASP B 49 -1.92 8.60 1.69
C ASP B 49 -2.61 7.51 2.50
N ASN B 50 -2.01 6.32 2.67
CA ASN B 50 -2.62 5.30 3.52
C ASN B 50 -2.11 5.36 4.97
N ASP B 51 -1.38 6.40 5.36
CA ASP B 51 -1.19 6.65 6.77
C ASP B 51 -2.51 7.09 7.37
N THR B 52 -2.74 6.74 8.62
CA THR B 52 -3.90 7.23 9.36
C THR B 52 -3.42 7.76 10.71
N PHE B 53 -4.00 8.88 11.15
CA PHE B 53 -3.49 9.53 12.36
C PHE B 53 -4.54 9.73 13.45
N GLY B 54 -5.77 9.25 13.25
CA GLY B 54 -6.80 9.46 14.25
C GLY B 54 -7.02 10.95 14.47
N ASP B 55 -7.07 11.34 15.73
CA ASP B 55 -7.29 12.73 16.10
C ASP B 55 -6.00 13.55 16.16
N TRP B 56 -4.87 12.98 15.74
CA TRP B 56 -3.58 13.65 15.90
C TRP B 56 -3.41 14.75 14.85
N LYS B 57 -2.97 15.93 15.30
CA LYS B 57 -2.71 17.05 14.39
C LYS B 57 -1.29 16.96 13.86
N VAL B 58 -1.14 16.40 12.66
CA VAL B 58 0.11 16.44 11.91
C VAL B 58 -0.18 17.04 10.54
N THR B 59 0.77 17.82 10.03
CA THR B 59 0.66 18.37 8.68
C THR B 59 1.29 17.38 7.72
N HIS B 60 0.48 16.80 6.85
CA HIS B 60 0.84 15.64 6.06
C HIS B 60 1.34 16.04 4.66
N HIS B 61 2.48 15.48 4.26
CA HIS B 61 3.10 15.70 2.95
C HIS B 61 3.32 14.34 2.30
N PRO B 62 2.33 13.82 1.58
CA PRO B 62 2.47 12.46 1.05
C PRO B 62 3.45 12.41 -0.12
N VAL B 63 4.15 11.27 -0.20
CA VAL B 63 5.05 10.95 -1.29
C VAL B 63 4.50 9.76 -2.06
N GLY B 64 3.20 9.53 -1.91
CA GLY B 64 2.50 8.49 -2.63
C GLY B 64 1.80 7.53 -1.71
N HIS B 65 1.10 6.59 -2.33
CA HIS B 65 0.52 5.45 -1.64
C HIS B 65 1.62 4.44 -1.30
N LEU B 66 1.67 4.01 -0.04
CA LEU B 66 2.72 3.10 0.40
C LEU B 66 2.19 1.67 0.41
N THR B 67 2.79 0.83 -0.43
CA THR B 67 2.76 -0.62 -0.25
C THR B 67 4.18 -1.15 -0.16
N LYS B 68 5.00 -1.04 -1.21
CA LYS B 68 6.44 -1.21 -1.13
C LYS B 68 7.12 0.09 -1.53
N PHE B 69 8.07 0.55 -0.70
CA PHE B 69 8.69 1.87 -0.82
C PHE B 69 9.58 1.93 -2.07
N SER B 70 9.21 2.76 -3.02
CA SER B 70 9.89 2.71 -4.31
C SER B 70 10.99 3.78 -4.41
N LEU B 71 11.83 3.59 -5.42
CA LEU B 71 12.88 4.53 -5.70
C LEU B 71 12.32 5.93 -5.95
N GLY B 72 11.24 6.02 -6.73
CA GLY B 72 10.62 7.32 -6.97
C GLY B 72 10.05 7.96 -5.70
N MET B 73 9.40 7.16 -4.86
CA MET B 73 8.94 7.71 -3.58
C MET B 73 10.11 8.28 -2.80
N SER B 74 11.23 7.56 -2.78
CA SER B 74 12.41 8.06 -2.07
C SER B 74 12.85 9.41 -2.64
N TYR B 75 12.86 9.55 -3.98
CA TYR B 75 13.24 10.83 -4.56
C TYR B 75 12.18 11.90 -4.34
N THR B 76 10.91 11.51 -4.25
CA THR B 76 9.89 12.50 -3.89
C THR B 76 10.09 12.97 -2.45
N MET B 77 10.47 12.04 -1.57
CA MET B 77 10.72 12.39 -0.19
C MET B 77 11.89 13.36 -0.07
N ALA B 78 13.02 13.03 -0.70
CA ALA B 78 14.21 13.88 -0.59
C ALA B 78 13.92 15.27 -1.11
N ARG B 79 13.18 15.36 -2.21
CA ARG B 79 12.77 16.64 -2.75
C ARG B 79 11.92 17.40 -1.75
N LYS B 80 11.02 16.71 -1.05
CA LYS B 80 10.14 17.35 -0.10
C LYS B 80 10.88 17.81 1.15
N ILE B 81 11.92 17.06 1.55
CA ILE B 81 12.80 17.50 2.63
C ILE B 81 13.42 18.84 2.28
N VAL B 82 14.01 18.92 1.08
CA VAL B 82 14.71 20.12 0.66
C VAL B 82 13.73 21.26 0.41
N GLU B 83 12.56 20.96 -0.16
CA GLU B 83 11.54 21.99 -0.31
C GLU B 83 11.10 22.55 1.04
N LEU B 84 10.70 21.68 1.98
CA LEU B 84 10.16 22.15 3.25
C LEU B 84 11.21 22.91 4.06
N ALA B 85 12.48 22.50 4.00
CA ALA B 85 13.53 23.21 4.73
C ALA B 85 13.80 24.59 4.13
N GLY B 86 13.57 24.77 2.83
CA GLY B 86 13.70 26.09 2.24
C GLY B 86 12.61 27.05 2.66
N ILE B 87 11.49 26.54 3.16
CA ILE B 87 10.37 27.37 3.56
C ILE B 87 10.40 27.66 5.06
N HIS B 88 10.41 26.61 5.88
CA HIS B 88 10.39 26.77 7.33
C HIS B 88 11.77 26.60 7.95
N GLU B 89 11.88 27.01 9.22
CA GLU B 89 13.02 26.73 10.06
C GLU B 89 12.61 25.67 11.08
N TYR B 90 13.41 24.61 11.19
CA TYR B 90 13.02 23.42 11.96
C TYR B 90 13.82 23.28 13.24
N ASP B 91 13.12 23.02 14.34
CA ASP B 91 13.78 22.70 15.60
C ASP B 91 14.47 21.35 15.53
N PHE B 92 13.84 20.35 14.91
CA PHE B 92 14.41 19.02 14.79
C PHE B 92 13.95 18.40 13.48
N VAL B 93 14.73 17.45 13.01
CA VAL B 93 14.24 16.50 12.02
C VAL B 93 14.48 15.13 12.60
N VAL B 94 13.45 14.30 12.57
CA VAL B 94 13.45 12.99 13.21
C VAL B 94 13.51 11.92 12.13
N THR B 95 14.45 10.99 12.26
CA THR B 95 14.49 9.83 11.38
C THR B 95 14.53 8.54 12.19
N MET B 96 14.26 7.44 11.49
CA MET B 96 14.31 6.08 12.04
C MET B 96 15.09 5.24 11.05
N GLU B 97 16.40 5.32 11.14
CA GLU B 97 17.27 4.57 10.23
C GLU B 97 16.94 4.89 8.78
N PRO B 98 17.31 6.08 8.30
CA PRO B 98 16.91 6.52 6.97
C PRO B 98 17.85 6.08 5.84
N THR B 99 17.35 6.25 4.61
CA THR B 99 18.16 5.97 3.44
C THR B 99 19.27 7.01 3.28
N LYS B 100 20.29 6.62 2.52
CA LYS B 100 21.36 7.51 2.13
C LYS B 100 20.84 8.80 1.52
N LEU B 101 19.82 8.68 0.67
CA LEU B 101 19.21 9.88 0.09
C LEU B 101 18.68 10.80 1.17
N THR B 102 17.91 10.25 2.13
CA THR B 102 17.34 11.08 3.17
C THR B 102 18.42 11.74 4.02
N VAL B 103 19.47 10.99 4.39
CA VAL B 103 20.54 11.57 5.19
C VAL B 103 21.19 12.72 4.42
N GLN B 104 21.45 12.50 3.13
CA GLN B 104 22.08 13.52 2.29
C GLN B 104 21.19 14.74 2.15
N ALA B 105 19.88 14.53 1.95
CA ALA B 105 18.95 15.66 1.83
C ALA B 105 18.93 16.49 3.10
N ILE B 106 18.98 15.83 4.26
CA ILE B 106 19.06 16.50 5.56
C ILE B 106 20.32 17.36 5.64
N LYS B 107 21.45 16.81 5.19
CA LYS B 107 22.68 17.60 5.18
C LYS B 107 22.50 18.81 4.26
N ASP B 108 22.11 18.56 3.00
CA ASP B 108 21.98 19.65 2.03
C ASP B 108 20.93 20.68 2.44
N ALA B 109 19.87 20.26 3.12
CA ALA B 109 18.85 21.21 3.55
C ALA B 109 19.25 21.97 4.79
N GLY B 110 20.45 21.72 5.32
CA GLY B 110 20.95 22.42 6.49
C GLY B 110 20.31 22.00 7.80
N LEU B 111 19.85 20.76 7.89
CA LEU B 111 19.14 20.30 9.07
C LEU B 111 19.94 19.27 9.86
N SER B 112 21.20 19.05 9.51
CA SER B 112 21.98 17.97 10.11
C SER B 112 22.18 18.18 11.60
N LYS B 113 22.36 19.41 12.03
CA LYS B 113 22.71 19.65 13.43
C LYS B 113 21.51 19.53 14.36
N VAL B 114 20.29 19.50 13.81
CA VAL B 114 19.07 19.34 14.58
C VAL B 114 18.45 17.96 14.34
N HIS B 115 19.24 17.06 13.79
CA HIS B 115 18.79 15.77 13.32
C HIS B 115 18.89 14.74 14.44
N LYS B 116 17.75 14.17 14.82
CA LYS B 116 17.66 13.12 15.85
C LYS B 116 17.22 11.82 15.18
N ASN B 117 18.04 10.79 15.31
CA ASN B 117 17.80 9.53 14.63
C ASN B 117 17.67 8.42 15.65
N PHE B 118 16.74 7.50 15.40
CA PHE B 118 16.42 6.45 16.36
C PHE B 118 16.57 5.08 15.71
N MET B 119 17.19 4.18 16.47
CA MET B 119 17.64 2.91 15.92
C MET B 119 17.04 1.74 16.69
N ALA B 120 16.76 0.68 15.94
CA ALA B 120 16.34 -0.60 16.50
C ALA B 120 17.05 -1.80 15.88
N THR B 121 17.66 -1.66 14.69
CA THR B 121 18.21 -2.81 13.98
C THR B 121 19.65 -3.09 14.39
N PRO B 122 19.93 -4.24 15.02
CA PRO B 122 21.32 -4.59 15.31
C PRO B 122 22.11 -4.84 14.02
N PHE B 123 23.41 -4.55 14.08
CA PHE B 123 24.26 -4.62 12.90
C PHE B 123 24.61 -6.06 12.55
N GLU B 124 24.21 -6.48 11.36
CA GLU B 124 24.46 -7.83 10.84
C GLU B 124 25.25 -7.64 9.55
N PRO B 125 26.56 -7.89 9.55
CA PRO B 125 27.37 -7.62 8.35
C PRO B 125 26.95 -8.40 7.13
N VAL B 126 26.25 -9.53 7.31
CA VAL B 126 25.87 -10.37 6.17
C VAL B 126 24.65 -9.87 5.41
N SER B 127 23.97 -8.84 5.88
CA SER B 127 22.74 -8.37 5.26
C SER B 127 23.00 -7.07 4.49
N ARG B 128 22.56 -7.03 3.23
CA ARG B 128 22.83 -5.86 2.39
C ARG B 128 22.11 -4.62 2.93
N GLY B 129 20.83 -4.75 3.29
CA GLY B 129 20.11 -3.62 3.83
C GLY B 129 20.62 -3.17 5.18
N ILE B 130 21.02 -4.13 6.02
CA ILE B 130 21.46 -3.80 7.38
C ILE B 130 22.81 -3.11 7.38
N VAL B 131 23.74 -3.54 6.53
CA VAL B 131 25.03 -2.86 6.49
C VAL B 131 24.89 -1.45 5.91
N GLN B 132 23.95 -1.25 4.99
CA GLN B 132 23.66 0.08 4.48
C GLN B 132 23.07 0.98 5.55
N ILE B 133 22.22 0.41 6.42
CA ILE B 133 21.69 1.16 7.56
C ILE B 133 22.82 1.76 8.37
N TRP B 134 23.77 0.93 8.79
CA TRP B 134 24.79 1.40 9.71
C TRP B 134 25.85 2.25 9.03
N ASP B 135 26.06 2.05 7.72
CA ASP B 135 26.89 3.00 6.99
C ASP B 135 26.29 4.40 7.10
N GLN B 136 24.97 4.51 6.98
CA GLN B 136 24.37 5.83 7.10
C GLN B 136 24.34 6.31 8.55
N THR B 137 24.44 5.40 9.52
CA THR B 137 24.61 5.84 10.90
C THR B 137 25.96 6.49 11.10
N ILE B 138 26.99 6.00 10.40
CA ILE B 138 28.27 6.69 10.42
C ILE B 138 28.14 8.06 9.79
N GLN B 139 27.45 8.13 8.64
CA GLN B 139 27.27 9.38 7.91
C GLN B 139 26.52 10.41 8.74
N ILE B 140 25.47 9.98 9.45
CA ILE B 140 24.74 10.88 10.34
C ILE B 140 25.67 11.49 11.37
N HIS B 141 26.54 10.67 11.98
CA HIS B 141 27.44 11.20 12.98
C HIS B 141 28.45 12.17 12.37
N LYS B 142 28.95 11.85 11.17
CA LYS B 142 29.88 12.74 10.48
C LYS B 142 29.23 14.09 10.21
N ASN B 143 27.98 14.08 9.72
CA ASN B 143 27.24 15.29 9.40
C ASN B 143 26.83 16.10 10.61
N GLY B 144 27.03 15.57 11.83
CA GLY B 144 26.66 16.26 13.04
C GLY B 144 25.30 15.93 13.62
N GLY B 145 24.53 15.03 13.02
CA GLY B 145 23.32 14.59 13.68
C GLY B 145 23.63 13.66 14.83
N LYS B 146 22.61 13.36 15.62
CA LYS B 146 22.78 12.50 16.77
C LYS B 146 21.87 11.28 16.66
N SER B 147 22.40 10.11 17.04
CA SER B 147 21.65 8.88 16.98
C SER B 147 21.44 8.32 18.39
N TYR B 148 20.28 7.69 18.60
CA TYR B 148 19.86 7.27 19.92
C TYR B 148 19.49 5.79 19.93
N ALA B 149 19.90 5.12 21.00
CA ALA B 149 19.60 3.73 21.30
C ALA B 149 18.67 3.60 22.51
N PRO B 150 17.93 2.49 22.62
CA PRO B 150 16.99 2.32 23.74
C PRO B 150 17.61 1.78 25.04
N THR B 151 18.73 1.05 24.97
CA THR B 151 19.30 0.31 26.09
C THR B 151 20.80 0.54 26.19
N LYS B 152 21.37 0.25 27.37
CA LYS B 152 22.82 0.23 27.49
C LYS B 152 23.42 -0.93 26.72
N ALA B 153 22.68 -2.03 26.61
CA ALA B 153 23.15 -3.17 25.81
C ALA B 153 23.37 -2.79 24.36
N PHE B 154 22.47 -2.00 23.77
CA PHE B 154 22.65 -1.57 22.39
C PHE B 154 23.90 -0.70 22.26
N ARG B 155 24.13 0.19 23.23
CA ARG B 155 25.29 1.07 23.13
C ARG B 155 26.59 0.28 23.24
N GLU B 156 26.58 -0.83 23.97
CA GLU B 156 27.76 -1.68 24.07
C GLU B 156 27.98 -2.48 22.79
N PHE B 157 26.92 -3.10 22.28
CA PHE B 157 27.02 -3.79 20.99
C PHE B 157 27.63 -2.90 19.91
N GLU B 158 27.35 -1.59 19.94
CA GLU B 158 27.92 -0.66 18.97
C GLU B 158 29.43 -0.54 19.10
N ARG B 159 29.97 -0.63 20.32
CA ARG B 159 31.43 -0.63 20.45
C ARG B 159 32.07 -1.94 20.01
N LYS B 160 31.27 -2.98 19.77
CA LYS B 160 31.74 -4.20 19.14
C LYS B 160 31.46 -4.25 17.64
N TYR B 161 30.33 -3.67 17.21
CA TYR B 161 29.96 -3.65 15.79
C TYR B 161 31.05 -3.06 14.90
N CYS B 162 31.81 -2.08 15.40
CA CYS B 162 32.85 -1.48 14.57
C CYS B 162 34.10 -2.41 14.36
N HIS B 163 34.10 -3.67 14.81
CA HIS B 163 35.18 -4.60 14.50
C HIS B 163 34.78 -5.76 13.59
N MET B 164 33.48 -6.06 13.46
CA MET B 164 33.05 -7.17 12.63
C MET B 164 32.95 -6.74 11.17
N THR B 165 33.64 -7.46 10.29
CA THR B 165 33.74 -7.08 8.89
C THR B 165 33.24 -8.22 8.01
N SER B 166 32.92 -7.90 6.76
CA SER B 166 32.42 -8.90 5.82
C SER B 166 32.74 -8.45 4.41
N ALA B 167 32.09 -9.10 3.43
CA ALA B 167 32.23 -8.74 2.02
C ALA B 167 31.34 -7.58 1.61
N LEU B 168 30.44 -7.13 2.47
CA LEU B 168 29.65 -5.93 2.22
C LEU B 168 30.23 -4.71 2.92
N THR B 169 31.27 -4.88 3.73
CA THR B 169 31.73 -3.85 4.64
C THR B 169 32.95 -3.10 4.11
N ASP B 170 33.24 -3.20 2.82
CA ASP B 170 34.42 -2.49 2.31
C ASP B 170 34.16 -0.99 2.24
N LYS B 171 32.92 -0.58 2.02
CA LYS B 171 32.56 0.82 1.87
C LYS B 171 32.18 1.48 3.19
N ILE B 172 32.53 0.88 4.32
CA ILE B 172 32.22 1.43 5.63
C ILE B 172 33.49 2.03 6.22
N ASP B 173 33.42 3.29 6.62
CA ASP B 173 34.53 3.99 7.24
C ASP B 173 34.83 3.45 8.64
N TYR B 174 35.42 2.26 8.72
CA TYR B 174 35.77 1.65 10.00
C TYR B 174 36.76 2.48 10.81
N ASP B 175 37.57 3.30 10.17
CA ASP B 175 38.48 4.16 10.90
C ASP B 175 37.70 5.17 11.72
N TYR B 176 36.77 5.89 11.07
CA TYR B 176 35.90 6.82 11.79
C TYR B 176 35.12 6.10 12.87
N TRP B 177 34.55 4.95 12.53
CA TRP B 177 33.60 4.28 13.42
C TRP B 177 34.27 3.86 14.72
N ARG B 178 35.48 3.32 14.64
CA ARG B 178 36.17 2.90 15.87
C ARG B 178 36.41 4.10 16.78
N ALA B 179 36.70 5.26 16.19
CA ALA B 179 37.11 6.41 16.97
C ALA B 179 35.93 7.22 17.53
N ASN B 180 34.70 6.97 17.06
CA ASN B 180 33.55 7.78 17.45
C ASN B 180 32.40 6.87 17.82
N PRO B 181 32.15 6.65 19.10
CA PRO B 181 30.92 5.95 19.49
C PRO B 181 29.72 6.65 18.88
N LEU B 182 28.92 5.89 18.12
CA LEU B 182 27.86 6.47 17.32
C LEU B 182 26.62 6.84 18.12
N PHE B 183 26.45 6.35 19.33
CA PHE B 183 25.22 6.65 20.05
C PHE B 183 25.46 7.74 21.09
N GLU B 184 24.43 8.54 21.31
CA GLU B 184 24.41 9.48 22.42
C GLU B 184 24.15 8.74 23.73
N ALA B 185 24.41 9.42 24.84
CA ALA B 185 24.29 8.80 26.16
C ALA B 185 22.85 8.54 26.60
N GLU B 186 21.88 9.28 26.07
CA GLU B 186 20.51 9.21 26.57
C GLU B 186 19.76 8.03 25.97
N ASP B 187 19.05 7.28 26.81
CA ASP B 187 18.16 6.23 26.32
C ASP B 187 16.91 6.85 25.68
N TYR B 188 16.46 6.24 24.48
CA TYR B 188 15.07 6.60 24.24
C TYR B 188 14.16 5.58 24.91
N PRO B 189 12.95 5.96 25.35
CA PRO B 189 12.10 4.98 26.05
C PRO B 189 11.69 3.85 25.12
N VAL B 190 11.87 2.61 25.58
CA VAL B 190 11.54 1.47 24.74
C VAL B 190 10.06 1.12 24.77
N ILE B 191 9.33 1.61 25.77
CA ILE B 191 7.92 1.27 25.92
C ILE B 191 7.30 2.41 26.71
N CYS B 192 6.00 2.63 26.50
CA CYS B 192 5.29 3.68 27.23
C CYS B 192 4.04 3.09 27.85
N LEU B 193 4.00 3.05 29.17
CA LEU B 193 2.87 2.50 29.91
C LEU B 193 1.99 3.67 30.36
N ASN B 194 0.84 3.84 29.70
CA ASN B 194 -0.08 4.90 30.11
C ASN B 194 -0.95 4.51 31.29
N GLU B 195 -1.13 3.23 31.54
CA GLU B 195 -1.89 2.73 32.67
C GLU B 195 -1.05 1.70 33.38
N LYS B 196 -1.03 1.74 34.70
CA LYS B 196 -0.22 0.78 35.44
C LYS B 196 -0.72 -0.63 35.20
N PRO B 197 0.08 -1.50 34.58
CA PRO B 197 -0.37 -2.87 34.32
C PRO B 197 -0.71 -3.55 35.63
N GLU B 198 -1.73 -4.40 35.59
CA GLU B 198 -2.15 -5.22 36.72
C GLU B 198 -1.50 -6.60 36.58
N VAL B 199 -0.61 -6.93 37.51
CA VAL B 199 0.10 -8.20 37.44
C VAL B 199 -0.87 -9.33 37.82
N LEU B 200 -1.12 -10.28 36.85
CA LEU B 200 -1.92 -11.48 37.06
C LEU B 200 -1.02 -12.63 37.51
N PRO B 201 -1.55 -13.55 38.33
CA PRO B 201 -0.78 -14.74 38.72
C PRO B 201 -0.58 -15.69 37.54
N ALA B 202 0.53 -16.43 37.61
CA ALA B 202 0.94 -17.27 36.48
C ALA B 202 0.14 -18.55 36.40
N THR B 203 -0.28 -18.89 35.18
CA THR B 203 -0.90 -20.17 34.87
C THR B 203 0.02 -21.06 34.04
N ASP B 204 1.07 -21.62 34.67
CA ASP B 204 1.92 -22.67 34.11
C ASP B 204 2.25 -22.67 32.60
N LEU B 205 1.74 -21.71 31.83
CA LEU B 205 1.95 -21.72 30.38
C LEU B 205 3.20 -20.93 30.03
N ILE B 206 4.06 -21.51 29.17
CA ILE B 206 5.28 -20.86 28.71
C ILE B 206 5.18 -20.64 27.19
N ILE B 207 5.65 -19.48 26.75
CA ILE B 207 5.39 -18.99 25.40
C ILE B 207 6.70 -18.63 24.71
N SER B 208 6.82 -19.00 23.43
CA SER B 208 7.83 -18.45 22.55
C SER B 208 7.12 -17.58 21.50
N ALA B 209 7.54 -16.33 21.39
CA ALA B 209 6.93 -15.37 20.46
C ALA B 209 8.03 -14.68 19.67
N GLN B 210 8.82 -15.48 18.97
CA GLN B 210 9.88 -15.02 18.11
C GLN B 210 9.68 -15.57 16.69
N ARG B 211 10.13 -14.79 15.72
CA ARG B 211 10.11 -15.25 14.34
C ARG B 211 11.21 -16.30 14.16
N TYR B 212 10.97 -17.26 13.29
CA TYR B 212 11.87 -18.41 13.17
C TYR B 212 13.14 -17.96 12.44
N ASP B 213 14.28 -18.09 13.11
CA ASP B 213 15.57 -17.88 12.49
C ASP B 213 16.59 -18.66 13.30
N THR B 214 17.33 -19.56 12.66
CA THR B 214 18.36 -20.33 13.34
C THR B 214 19.56 -19.46 13.67
N LYS B 215 19.83 -18.45 12.83
CA LYS B 215 21.03 -17.63 12.94
C LYS B 215 20.92 -16.65 14.11
N MET B 216 19.97 -15.71 14.03
CA MET B 216 19.87 -14.66 15.02
C MET B 216 19.06 -15.12 16.24
N ARG B 217 17.91 -15.75 16.03
CA ARG B 217 16.97 -16.04 17.11
C ARG B 217 17.19 -17.38 17.82
N ARG B 218 17.82 -18.36 17.15
CA ARG B 218 17.94 -19.71 17.69
C ARG B 218 16.56 -20.26 18.05
N THR B 219 15.57 -19.94 17.20
CA THR B 219 14.18 -20.32 17.44
C THR B 219 14.00 -21.84 17.51
N ASP B 220 14.88 -22.60 16.85
CA ASP B 220 14.82 -24.05 16.94
C ASP B 220 15.01 -24.53 18.37
N VAL B 221 15.96 -23.92 19.10
CA VAL B 221 16.13 -24.22 20.52
C VAL B 221 14.86 -23.90 21.28
N ALA B 222 14.24 -22.76 20.97
CA ALA B 222 12.99 -22.38 21.61
C ALA B 222 11.90 -23.41 21.35
N LEU B 223 11.68 -23.73 20.07
CA LEU B 223 10.58 -24.61 19.72
C LEU B 223 10.83 -26.05 20.15
N GLU B 224 12.07 -26.40 20.53
CA GLU B 224 12.32 -27.66 21.21
C GLU B 224 11.89 -27.60 22.67
N ALA B 225 12.24 -26.54 23.39
CA ALA B 225 11.72 -26.41 24.74
C ALA B 225 10.20 -26.35 24.72
N ILE B 226 9.63 -25.64 23.72
CA ILE B 226 8.18 -25.58 23.56
C ILE B 226 7.61 -26.96 23.27
N LYS B 227 8.31 -27.75 22.46
CA LYS B 227 7.92 -29.15 22.27
C LYS B 227 8.00 -29.90 23.60
N ALA B 228 9.05 -29.65 24.39
CA ALA B 228 9.22 -30.33 25.67
C ALA B 228 8.15 -29.96 26.69
N LEU B 229 7.47 -28.81 26.54
CA LEU B 229 6.41 -28.48 27.49
C LEU B 229 5.10 -29.21 27.21
N GLY B 230 4.93 -29.74 26.01
CA GLY B 230 3.66 -30.38 25.70
C GLY B 230 2.54 -29.37 25.80
N GLU B 231 1.58 -29.68 26.69
CA GLU B 231 0.41 -28.82 26.87
C GLU B 231 0.75 -27.49 27.52
N ASN B 232 1.86 -27.41 28.26
CA ASN B 232 2.26 -26.16 28.91
C ASN B 232 3.19 -25.32 28.03
N GLY B 233 3.18 -25.51 26.71
CA GLY B 233 4.01 -24.72 25.82
C GLY B 233 3.34 -24.36 24.50
N VAL B 234 3.55 -23.14 24.01
CA VAL B 234 2.94 -22.70 22.75
C VAL B 234 3.89 -21.74 22.05
N GLY B 235 3.95 -21.81 20.73
CA GLY B 235 4.79 -20.94 19.93
C GLY B 235 4.02 -20.13 18.91
N TYR B 236 4.41 -18.88 18.72
CA TYR B 236 3.80 -17.97 17.75
C TYR B 236 4.87 -17.49 16.77
N CYS B 237 4.59 -17.65 15.48
CA CYS B 237 5.51 -17.32 14.39
C CYS B 237 4.81 -16.50 13.31
N PRO B 238 5.55 -15.67 12.58
CA PRO B 238 4.99 -15.01 11.41
C PRO B 238 5.02 -15.92 10.19
N SER B 239 4.10 -15.66 9.26
CA SER B 239 4.05 -16.47 8.05
C SER B 239 5.28 -16.28 7.18
N LYS B 240 5.98 -15.15 7.33
CA LYS B 240 7.21 -14.89 6.60
C LYS B 240 8.44 -15.51 7.27
N TRP B 241 8.32 -15.96 8.54
CA TRP B 241 9.38 -16.65 9.29
C TRP B 241 8.79 -17.82 10.08
N ALA B 242 8.32 -18.89 9.34
CA ALA B 242 7.64 -20.10 9.78
C ALA B 242 8.64 -21.19 10.15
N PRO B 243 8.25 -22.11 11.04
CA PRO B 243 9.15 -23.22 11.41
C PRO B 243 8.98 -24.40 10.47
N PRO B 244 9.92 -25.35 10.48
CA PRO B 244 9.65 -26.65 9.84
C PRO B 244 8.43 -27.30 10.46
N ALA B 245 7.89 -28.29 9.74
CA ALA B 245 6.67 -28.95 10.21
C ALA B 245 6.89 -29.64 11.56
N LYS B 246 8.13 -29.97 11.91
CA LYS B 246 8.40 -30.65 13.19
C LYS B 246 8.13 -29.76 14.40
N TYR B 247 7.99 -28.44 14.20
CA TYR B 247 7.69 -27.47 15.25
C TYR B 247 6.32 -26.87 14.99
N PRO B 248 5.24 -27.43 15.53
CA PRO B 248 3.91 -26.84 15.31
C PRO B 248 3.73 -25.54 16.09
N VAL B 249 3.25 -24.50 15.40
CA VAL B 249 3.05 -23.18 15.98
C VAL B 249 1.86 -22.52 15.31
N ILE B 250 1.33 -21.48 15.97
CA ILE B 250 0.39 -20.56 15.33
C ILE B 250 1.17 -19.68 14.36
N ILE B 251 0.69 -19.59 13.11
CA ILE B 251 1.49 -19.03 12.03
C ILE B 251 1.28 -17.54 11.78
N ASP B 252 0.29 -16.91 12.42
CA ASP B 252 0.18 -15.46 12.38
C ASP B 252 -0.97 -14.95 13.26
N ALA B 253 -0.78 -15.00 14.57
CA ALA B 253 -1.70 -14.37 15.51
C ALA B 253 -1.43 -12.87 15.60
N PRO B 254 -2.47 -12.04 15.71
CA PRO B 254 -2.25 -10.60 15.93
C PRO B 254 -1.55 -10.35 17.26
N HIS B 255 -0.69 -9.32 17.27
CA HIS B 255 0.07 -8.97 18.47
C HIS B 255 -0.81 -8.84 19.71
N SER B 256 -2.05 -8.36 19.54
CA SER B 256 -2.98 -8.27 20.67
C SER B 256 -3.37 -9.67 21.19
N GLU B 257 -3.49 -10.64 20.29
CA GLU B 257 -3.87 -12.00 20.70
C GLU B 257 -2.85 -12.61 21.66
N ILE B 258 -1.56 -12.41 21.36
CA ILE B 258 -0.49 -13.01 22.16
C ILE B 258 -0.34 -12.29 23.50
N MET B 259 -0.48 -10.96 23.52
CA MET B 259 -0.39 -10.20 24.76
C MET B 259 -1.44 -10.65 25.76
N GLU B 260 -2.60 -11.09 25.28
CA GLU B 260 -3.61 -11.62 26.18
C GLU B 260 -3.08 -12.85 26.91
N ARG B 261 -2.48 -13.79 26.14
CA ARG B 261 -1.92 -15.00 26.75
C ARG B 261 -0.80 -14.67 27.73
N LEU B 262 0.04 -13.67 27.39
CA LEU B 262 1.17 -13.34 28.24
C LEU B 262 0.72 -12.92 29.63
N LYS B 263 -0.44 -12.25 29.71
CA LYS B 263 -0.91 -11.71 30.97
C LYS B 263 -0.85 -12.75 32.08
N THR B 264 -1.18 -14.00 31.74
CA THR B 264 -1.18 -15.11 32.69
C THR B 264 -0.07 -16.11 32.41
N ALA B 265 0.85 -15.79 31.51
CA ALA B 265 1.93 -16.70 31.17
C ALA B 265 2.89 -16.88 32.35
N LYS B 266 3.36 -18.12 32.53
CA LYS B 266 4.33 -18.39 33.58
C LYS B 266 5.69 -17.82 33.23
N ALA B 267 6.07 -17.85 31.95
CA ALA B 267 7.37 -17.38 31.51
C ALA B 267 7.35 -17.16 30.00
N LEU B 268 8.31 -16.38 29.54
CA LEU B 268 8.53 -16.17 28.13
C LEU B 268 9.89 -16.72 27.74
N ILE B 269 9.95 -17.37 26.58
CA ILE B 269 11.19 -17.93 26.06
C ILE B 269 11.84 -16.91 25.13
N ASN B 270 13.11 -16.61 25.39
CA ASN B 270 13.91 -15.76 24.51
C ASN B 270 15.24 -16.45 24.28
N THR B 271 15.55 -16.76 23.02
CA THR B 271 16.73 -17.54 22.68
C THR B 271 17.75 -16.76 21.86
N CYS B 272 17.59 -15.43 21.69
CA CYS B 272 18.61 -14.61 21.04
C CYS B 272 19.75 -14.35 22.01
N PRO B 273 20.91 -15.01 21.89
CA PRO B 273 21.91 -14.88 22.94
C PRO B 273 22.98 -13.82 22.67
N ASP B 274 23.13 -13.42 21.42
CA ASP B 274 24.11 -12.41 21.01
C ASP B 274 23.51 -11.16 20.36
N THR B 275 22.18 -11.08 20.24
CA THR B 275 21.55 -9.96 19.54
C THR B 275 20.78 -9.03 20.45
N GLY B 276 20.55 -9.42 21.70
CA GLY B 276 19.74 -8.63 22.61
C GLY B 276 20.23 -7.21 22.72
N THR B 277 19.84 -6.36 21.76
CA THR B 277 20.15 -4.94 21.78
C THR B 277 18.95 -4.22 22.37
N VAL B 278 17.90 -4.08 21.56
CA VAL B 278 16.55 -3.86 22.05
C VAL B 278 15.84 -5.19 21.90
N GLU B 279 15.12 -5.62 22.92
CA GLU B 279 14.28 -6.80 22.78
C GLU B 279 12.92 -6.35 23.25
N ASN B 280 11.96 -6.25 22.32
CA ASN B 280 10.69 -5.68 22.73
C ASN B 280 9.77 -6.71 23.36
N SER B 281 9.86 -7.97 22.94
CA SER B 281 9.04 -8.98 23.60
C SER B 281 9.47 -9.14 25.05
N SER B 282 10.76 -8.93 25.33
CA SER B 282 11.24 -9.01 26.71
C SER B 282 10.55 -7.99 27.59
N ILE B 283 10.55 -6.72 27.16
CA ILE B 283 10.04 -5.63 27.98
C ILE B 283 8.51 -5.62 28.04
N GLU B 284 7.82 -6.01 26.96
CA GLU B 284 6.37 -6.18 27.05
C GLU B 284 6.01 -7.24 28.08
N ALA B 285 6.69 -8.38 28.03
CA ALA B 285 6.44 -9.46 28.97
C ALA B 285 6.68 -9.02 30.41
N ILE B 286 7.87 -8.45 30.67
CA ILE B 286 8.28 -8.09 32.02
C ILE B 286 7.37 -7.01 32.59
N SER B 287 6.84 -6.15 31.74
CA SER B 287 5.99 -5.09 32.23
C SER B 287 4.71 -5.64 32.85
N LYS B 288 4.30 -6.85 32.49
CA LYS B 288 3.17 -7.52 33.09
C LYS B 288 3.58 -8.50 34.18
N GLY B 289 4.86 -8.49 34.57
CA GLY B 289 5.36 -9.42 35.56
C GLY B 289 5.77 -10.78 35.03
N VAL B 290 5.66 -11.01 33.74
CA VAL B 290 6.04 -12.31 33.18
C VAL B 290 7.56 -12.37 33.09
N PRO B 291 8.20 -13.40 33.64
CA PRO B 291 9.65 -13.51 33.54
C PRO B 291 10.07 -13.99 32.15
N VAL B 292 11.32 -13.71 31.81
CA VAL B 292 11.95 -14.20 30.59
C VAL B 292 13.00 -15.22 30.97
N ILE B 293 12.99 -16.35 30.28
CA ILE B 293 14.07 -17.33 30.37
C ILE B 293 15.00 -17.04 29.21
N GLN B 294 16.18 -16.51 29.50
CA GLN B 294 16.99 -15.86 28.49
C GLN B 294 18.27 -16.66 28.24
N LEU B 295 18.44 -17.09 26.99
CA LEU B 295 19.68 -17.68 26.51
C LEU B 295 20.65 -16.56 26.15
N VAL B 296 21.90 -16.65 26.63
CA VAL B 296 22.86 -15.56 26.45
C VAL B 296 24.26 -16.14 26.36
N PHE B 297 25.10 -15.47 25.57
CA PHE B 297 26.53 -15.75 25.58
C PHE B 297 27.17 -15.25 26.88
N LYS B 298 28.16 -16.00 27.37
CA LYS B 298 28.91 -15.62 28.55
C LYS B 298 29.50 -14.23 28.36
N ASP B 299 29.37 -13.38 29.37
CA ASP B 299 29.92 -12.01 29.35
C ASP B 299 29.37 -11.19 28.17
N TYR B 300 28.17 -11.51 27.72
CA TYR B 300 27.55 -10.70 26.69
C TYR B 300 26.44 -9.83 27.26
N PRO B 301 26.23 -8.66 26.67
CA PRO B 301 25.13 -7.81 27.10
C PRO B 301 23.85 -8.34 26.46
N HIS B 302 22.76 -8.12 27.15
CA HIS B 302 21.45 -8.48 26.62
C HIS B 302 20.45 -7.51 27.20
N ALA B 303 19.51 -7.09 26.36
CA ALA B 303 18.52 -6.11 26.81
C ALA B 303 17.65 -6.68 27.94
N THR B 304 17.34 -7.97 27.87
CA THR B 304 16.46 -8.58 28.87
C THR B 304 16.96 -8.32 30.27
N PHE B 305 18.29 -8.43 30.47
CA PHE B 305 18.88 -8.22 31.79
C PHE B 305 18.83 -6.76 32.25
N GLU B 306 18.68 -5.80 31.34
CA GLU B 306 18.42 -4.43 31.77
C GLU B 306 16.97 -4.27 32.22
N TYR B 307 16.05 -4.93 31.51
CA TYR B 307 14.64 -4.83 31.84
C TYR B 307 14.32 -5.52 33.16
N ASP B 308 14.92 -6.68 33.40
CA ASP B 308 14.75 -7.41 34.65
C ASP B 308 16.10 -7.99 35.02
N PRO B 309 16.83 -7.37 35.96
CA PRO B 309 18.18 -7.87 36.30
C PRO B 309 18.15 -9.23 36.95
N ASP B 310 17.01 -9.64 37.48
CA ASP B 310 16.87 -10.93 38.15
C ASP B 310 16.51 -12.03 37.17
N THR B 311 16.52 -11.74 35.87
CA THR B 311 16.33 -12.78 34.87
C THR B 311 17.39 -13.86 35.07
N VAL B 312 16.97 -15.10 35.17
CA VAL B 312 17.95 -16.18 35.19
C VAL B 312 18.38 -16.47 33.77
N ARG B 313 19.68 -16.62 33.57
CA ARG B 313 20.25 -16.79 32.25
C ARG B 313 20.63 -18.25 32.03
N VAL B 314 20.47 -18.69 30.79
CA VAL B 314 21.00 -19.96 30.33
C VAL B 314 22.29 -19.60 29.60
N GLU B 315 23.40 -19.70 30.31
CA GLU B 315 24.69 -19.23 29.79
C GLU B 315 25.30 -20.26 28.87
N ILE B 316 25.74 -19.81 27.69
CA ILE B 316 26.46 -20.60 26.70
C ILE B 316 27.48 -19.70 26.03
N ASP B 317 28.28 -20.27 25.12
CA ASP B 317 29.15 -19.49 24.23
C ASP B 317 28.86 -19.88 22.79
N PHE B 318 29.61 -19.26 21.88
CA PHE B 318 29.53 -19.69 20.48
C PHE B 318 29.98 -21.12 20.30
N SER B 319 30.91 -21.60 21.14
CA SER B 319 31.43 -22.95 20.95
C SER B 319 30.36 -24.00 21.23
N THR B 320 29.41 -23.71 22.10
CA THR B 320 28.41 -24.68 22.52
C THR B 320 27.66 -25.24 21.32
N PRO B 321 27.64 -26.58 21.13
CA PRO B 321 26.93 -27.16 19.99
C PRO B 321 25.43 -27.15 20.21
N LYS B 322 24.69 -27.21 19.10
CA LYS B 322 23.23 -27.13 19.15
C LYS B 322 22.64 -28.14 20.12
N LYS B 323 23.16 -29.37 20.13
CA LYS B 323 22.62 -30.40 21.01
C LYS B 323 22.76 -30.03 22.47
N GLU B 324 23.86 -29.37 22.85
CA GLU B 324 24.03 -29.02 24.27
C GLU B 324 23.22 -27.80 24.67
N VAL B 325 23.09 -26.80 23.78
CA VAL B 325 22.27 -25.63 24.12
C VAL B 325 20.83 -26.08 24.40
N VAL B 326 20.29 -26.96 23.55
CA VAL B 326 18.92 -27.44 23.74
C VAL B 326 18.80 -28.22 25.04
N ALA B 327 19.88 -28.88 25.47
CA ALA B 327 19.80 -29.63 26.70
C ALA B 327 19.84 -28.71 27.93
N LEU B 328 20.61 -27.62 27.86
CA LEU B 328 20.61 -26.67 28.97
C LEU B 328 19.36 -25.80 28.94
N TYR B 329 18.91 -25.40 27.76
CA TYR B 329 17.76 -24.52 27.73
C TYR B 329 16.47 -25.27 28.03
N THR B 330 16.27 -26.43 27.42
CA THR B 330 15.10 -27.22 27.77
C THR B 330 15.07 -27.51 29.27
N LYS B 331 16.22 -27.87 29.83
CA LYS B 331 16.28 -28.16 31.25
C LYS B 331 15.88 -26.93 32.06
N ALA B 332 16.41 -25.76 31.68
CA ALA B 332 16.08 -24.53 32.39
C ALA B 332 14.59 -24.21 32.25
N VAL B 333 14.00 -24.53 31.10
CA VAL B 333 12.58 -24.24 30.88
C VAL B 333 11.70 -25.17 31.70
N LEU B 334 11.98 -26.47 31.66
CA LEU B 334 11.13 -27.44 32.35
C LEU B 334 11.27 -27.32 33.86
N GLU B 335 12.42 -26.86 34.34
CA GLU B 335 12.67 -26.75 35.76
C GLU B 335 12.42 -25.35 36.28
N PHE B 336 11.84 -24.49 35.46
CA PHE B 336 11.66 -23.09 35.82
C PHE B 336 10.64 -22.93 36.94
N THR B 337 10.92 -21.98 37.84
CA THR B 337 10.08 -21.71 39.00
C THR B 337 10.09 -20.22 39.28
N ASP B 338 8.91 -19.66 39.58
CA ASP B 338 8.73 -18.23 39.80
C ASP B 338 7.64 -18.02 40.82
N THR B 339 7.75 -16.95 41.62
CA THR B 339 6.67 -16.60 42.55
C THR B 339 5.88 -15.41 42.02
N TYR B 340 4.65 -15.28 42.55
CA TYR B 340 3.83 -14.11 42.22
C TYR B 340 4.50 -12.85 42.73
N GLU B 341 5.00 -12.92 43.95
CA GLU B 341 5.80 -11.83 44.52
C GLU B 341 6.89 -11.38 43.57
N ALA B 342 7.56 -12.33 42.90
CA ALA B 342 8.61 -11.99 41.97
C ALA B 342 8.07 -11.31 40.71
N ARG B 343 6.91 -11.78 40.20
CA ARG B 343 6.26 -11.12 39.07
C ARG B 343 5.99 -9.65 39.37
N VAL B 344 5.45 -9.38 40.56
CA VAL B 344 5.15 -8.00 40.95
C VAL B 344 6.44 -7.18 41.02
N LYS B 345 7.52 -7.78 41.54
CA LYS B 345 8.77 -7.06 41.66
C LYS B 345 9.27 -6.57 40.30
N ARG B 346 9.27 -7.46 39.30
CA ARG B 346 9.81 -7.12 37.99
C ARG B 346 8.89 -6.16 37.23
N ALA B 347 7.58 -6.27 37.42
CA ALA B 347 6.66 -5.34 36.79
C ALA B 347 6.71 -3.97 37.44
N GLU B 348 6.98 -3.92 38.75
CA GLU B 348 7.13 -2.67 39.47
C GLU B 348 8.35 -1.89 38.97
N ALA B 349 9.49 -2.55 38.87
CA ALA B 349 10.71 -1.86 38.44
C ALA B 349 10.53 -1.29 37.04
N VAL B 350 9.68 -1.92 36.22
CA VAL B 350 9.44 -1.43 34.88
C VAL B 350 8.38 -0.33 34.88
N TRP B 351 7.39 -0.41 35.78
CA TRP B 351 6.42 0.69 35.88
C TRP B 351 7.08 1.98 36.39
N LYS B 352 8.05 1.86 37.30
CA LYS B 352 8.79 3.03 37.75
C LYS B 352 9.49 3.72 36.59
N LYS B 353 10.13 2.93 35.72
CA LYS B 353 10.95 3.49 34.66
C LYS B 353 10.13 3.96 33.47
N TYR B 354 8.99 3.32 33.15
CA TYR B 354 8.36 3.53 31.85
C TYR B 354 6.89 3.94 31.95
N ASN B 355 6.46 4.44 33.10
CA ASN B 355 5.18 5.13 33.18
C ASN B 355 5.22 6.38 32.30
N ARG B 356 4.03 6.84 31.89
CA ARG B 356 3.90 7.88 30.88
C ARG B 356 4.69 9.16 31.23
N ASP B 357 4.62 9.58 32.49
CA ASP B 357 5.33 10.81 32.88
C ASP B 357 6.84 10.64 32.76
N ALA B 358 7.36 9.48 33.18
CA ALA B 358 8.79 9.22 33.08
C ALA B 358 9.23 9.08 31.63
N VAL B 359 8.36 8.56 30.76
CA VAL B 359 8.68 8.45 29.33
C VAL B 359 8.78 9.85 28.73
N VAL B 360 7.81 10.73 29.05
CA VAL B 360 7.89 12.11 28.61
C VAL B 360 9.18 12.75 29.06
N ALA B 361 9.56 12.51 30.33
CA ALA B 361 10.82 13.03 30.85
C ALA B 361 12.01 12.51 30.04
N MET B 362 11.96 11.25 29.59
CA MET B 362 13.07 10.73 28.78
C MET B 362 13.11 11.37 27.40
N TRP B 363 11.95 11.50 26.74
CA TRP B 363 11.92 12.17 25.46
C TRP B 363 12.40 13.61 25.61
N ASP B 364 12.07 14.24 26.74
CA ASP B 364 12.47 15.61 26.98
C ASP B 364 13.98 15.75 27.01
N LYS B 365 14.68 14.78 27.61
CA LYS B 365 16.13 14.86 27.64
C LYS B 365 16.70 14.85 26.22
N ILE B 366 16.15 14.01 25.35
CA ILE B 366 16.62 13.91 23.96
C ILE B 366 16.30 15.19 23.20
N PHE B 367 15.05 15.67 23.32
CA PHE B 367 14.59 16.83 22.56
C PHE B 367 14.88 18.12 23.34
N THR B 368 16.18 18.34 23.49
CA THR B 368 16.74 19.56 24.00
C THR B 368 17.63 20.12 22.89
#